data_9DEN
#
_entry.id   9DEN
#
_cell.length_a   75.362
_cell.length_b   69.675
_cell.length_c   77.617
_cell.angle_alpha   90.00
_cell.angle_beta   94.36
_cell.angle_gamma   90.00
#
_symmetry.space_group_name_H-M   'P 1 21 1'
#
loop_
_entity.id
_entity.type
_entity.pdbx_description
1 polymer 'Ubiquitin carboxyl-terminal hydrolase 7'
2 polymer 'Macrocycle peptide  MC07'
3 non-polymer ETHANOL
4 water water
#
loop_
_entity_poly.entity_id
_entity_poly.type
_entity_poly.pdbx_seq_one_letter_code
_entity_poly.pdbx_strand_id
1 'polypeptide(L)'
;MGSSHHHHHHSSGLVPRGSHMKKHTGYVGLKNQGATCYMNSLLQTLFFTNQLRKAVYMMPTEGDDSSKSVPLALQRVFYE
LQHSDKPVGTKKLTKSFGWETLDSFMQHDVQELCRVLLDNVENKMKGTCVEGTIPKLFRGKMVSYIQCKEVDYRSDRRED
YYDIQLSIKGKKNIFESFVDYVAVEQLDGDNKYDAGEHGLQEAEKGVKFLTLPPVLHLQLMRFMYDPQTDQNIKINDRFE
FPEQLPLDEFLQKTDPKDPANYILHAVLVHSGDNHGGHYVVYLNPKGDGKWCKFDDDVVSRCTKEEAIEHNYGGHDDDLS
VRHCTNAYMLVYIRESKLSEVLQAVTDHDIPQQLVERLQEEKRIEAQK
;
B,A
2 'polypeptide(L)' (ACE)F(MEA)N(MEA)PN(DI8)YRRCGKK D,C
#
# COMPACT_ATOMS: atom_id res chain seq x y z
N HIS A 24 16.97 14.23 -19.32
CA HIS A 24 16.50 12.87 -19.11
C HIS A 24 14.99 12.74 -19.30
N THR A 25 14.42 11.64 -18.82
CA THR A 25 12.99 11.39 -18.88
C THR A 25 12.41 10.92 -17.55
N GLY A 26 13.23 10.89 -16.50
CA GLY A 26 12.85 10.35 -15.21
C GLY A 26 12.99 8.85 -15.10
N TYR A 27 13.29 8.16 -16.19
CA TYR A 27 13.44 6.72 -16.21
C TYR A 27 14.74 6.37 -16.91
N VAL A 28 15.54 5.52 -16.28
CA VAL A 28 16.83 5.14 -16.82
C VAL A 28 16.69 3.78 -17.49
N GLY A 29 17.61 3.49 -18.40
CA GLY A 29 17.56 2.27 -19.17
C GLY A 29 18.48 1.18 -18.64
N LEU A 30 18.44 0.04 -19.34
CA LEU A 30 19.30 -1.10 -19.07
C LEU A 30 20.21 -1.31 -20.26
N LYS A 31 21.49 -1.56 -19.99
CA LYS A 31 22.45 -1.72 -21.07
C LYS A 31 22.31 -3.09 -21.71
N ASN A 32 22.58 -3.14 -23.01
CA ASN A 32 22.63 -4.40 -23.74
C ASN A 32 23.92 -5.12 -23.37
N GLN A 33 23.80 -6.15 -22.54
CA GLN A 33 24.95 -6.89 -22.00
C GLN A 33 24.74 -8.38 -22.25
N GLY A 34 24.98 -8.82 -23.49
CA GLY A 34 24.86 -10.21 -23.82
C GLY A 34 23.49 -10.56 -24.33
N ALA A 35 23.30 -11.85 -24.61
CA ALA A 35 22.04 -12.33 -25.17
C ALA A 35 21.01 -12.48 -24.06
N THR A 36 20.63 -11.34 -23.46
CA THR A 36 19.61 -11.37 -22.44
C THR A 36 18.20 -11.34 -23.02
N CYS A 37 18.06 -11.00 -24.31
CA CYS A 37 16.77 -11.04 -24.98
C CYS A 37 15.71 -10.22 -24.24
N TYR A 38 14.65 -10.89 -23.83
CA TYR A 38 13.51 -10.28 -23.16
C TYR A 38 13.82 -9.81 -21.75
N MET A 39 15.00 -10.15 -21.22
CA MET A 39 15.28 -9.90 -19.81
C MET A 39 15.15 -8.41 -19.47
N ASN A 40 15.69 -7.54 -20.32
CA ASN A 40 15.57 -6.11 -20.08
C ASN A 40 14.12 -5.66 -20.07
N SER A 41 13.32 -6.18 -21.02
CA SER A 41 11.90 -5.82 -21.05
C SER A 41 11.19 -6.25 -19.77
N LEU A 42 11.47 -7.48 -19.32
CA LEU A 42 10.82 -7.98 -18.11
C LEU A 42 11.25 -7.18 -16.89
N LEU A 43 12.52 -6.80 -16.82
CA LEU A 43 13.01 -6.11 -15.63
C LEU A 43 12.32 -4.76 -15.44
N GLN A 44 12.13 -4.01 -16.52
CA GLN A 44 11.42 -2.74 -16.40
C GLN A 44 9.97 -2.96 -16.02
N THR A 45 9.35 -4.02 -16.54
CA THR A 45 7.96 -4.33 -16.21
C THR A 45 7.80 -4.60 -14.73
N LEU A 46 8.70 -5.39 -14.15
CA LEU A 46 8.66 -5.64 -12.72
C LEU A 46 9.06 -4.41 -11.93
N PHE A 47 9.97 -3.60 -12.46
CA PHE A 47 10.41 -2.38 -11.77
C PHE A 47 9.25 -1.40 -11.57
N PHE A 48 8.43 -1.22 -12.60
CA PHE A 48 7.29 -0.33 -12.49
C PHE A 48 6.05 -1.02 -11.95
N THR A 49 6.16 -2.29 -11.57
CA THR A 49 5.20 -2.90 -10.64
C THR A 49 5.61 -2.39 -9.26
N ASN A 50 5.24 -1.14 -8.98
CA ASN A 50 5.84 -0.38 -7.88
C ASN A 50 5.68 -1.10 -6.55
N GLN A 51 4.51 -1.70 -6.32
CA GLN A 51 4.27 -2.43 -5.08
C GLN A 51 5.21 -3.63 -4.97
N LEU A 52 5.48 -4.32 -6.08
CA LEU A 52 6.48 -5.37 -6.07
C LEU A 52 7.85 -4.81 -5.75
N ARG A 53 8.16 -3.63 -6.28
CA ARG A 53 9.48 -3.04 -6.10
C ARG A 53 9.75 -2.74 -4.63
N LYS A 54 8.80 -2.09 -3.95
CA LYS A 54 9.00 -1.76 -2.54
C LYS A 54 9.13 -3.01 -1.69
N ALA A 55 8.39 -4.08 -2.05
CA ALA A 55 8.54 -5.34 -1.35
C ALA A 55 9.94 -5.90 -1.54
N VAL A 56 10.49 -5.79 -2.76
CA VAL A 56 11.84 -6.27 -3.03
C VAL A 56 12.88 -5.51 -2.21
N TYR A 57 12.72 -4.20 -2.08
CA TYR A 57 13.66 -3.39 -1.30
C TYR A 57 13.69 -3.80 0.16
N MET A 58 12.55 -4.22 0.71
CA MET A 58 12.45 -4.52 2.14
C MET A 58 12.65 -6.00 2.46
N MET A 59 13.23 -6.75 1.51
CA MET A 59 13.48 -8.16 1.77
C MET A 59 14.70 -8.30 2.69
N PRO A 60 14.70 -9.32 3.55
CA PRO A 60 15.85 -9.53 4.45
C PRO A 60 17.02 -10.20 3.74
N THR A 61 17.72 -9.44 2.89
CA THR A 61 18.84 -9.99 2.14
C THR A 61 20.20 -9.62 2.76
N GLU A 62 20.22 -9.04 3.95
CA GLU A 62 21.50 -8.77 4.59
C GLU A 62 22.21 -10.07 4.93
N GLY A 63 23.50 -10.14 4.62
CA GLY A 63 24.26 -11.35 4.83
C GLY A 63 24.11 -12.42 3.77
N ASP A 64 23.81 -12.03 2.53
CA ASP A 64 23.72 -12.96 1.42
C ASP A 64 24.96 -12.87 0.55
N ASP A 65 25.21 -13.92 -0.22
CA ASP A 65 26.39 -13.95 -1.08
C ASP A 65 26.07 -13.26 -2.41
N SER A 66 26.85 -12.21 -2.73
CA SER A 66 26.57 -11.42 -3.91
C SER A 66 26.67 -12.26 -5.18
N SER A 67 27.60 -13.21 -5.21
CA SER A 67 27.85 -13.97 -6.43
C SER A 67 26.73 -14.93 -6.79
N LYS A 68 25.85 -15.26 -5.85
CA LYS A 68 24.84 -16.27 -6.09
C LYS A 68 23.42 -15.89 -5.66
N SER A 69 23.19 -14.66 -5.18
CA SER A 69 21.89 -14.26 -4.63
C SER A 69 21.06 -13.54 -5.68
N VAL A 70 19.97 -14.18 -6.12
CA VAL A 70 18.99 -13.57 -7.01
C VAL A 70 18.25 -12.42 -6.33
N PRO A 71 17.74 -12.57 -5.08
CA PRO A 71 17.10 -11.41 -4.43
C PRO A 71 18.02 -10.21 -4.30
N LEU A 72 19.30 -10.42 -3.99
CA LEU A 72 20.23 -9.29 -3.92
C LEU A 72 20.45 -8.68 -5.30
N ALA A 73 20.56 -9.52 -6.32
CA ALA A 73 20.77 -9.02 -7.68
C ALA A 73 19.58 -8.19 -8.14
N LEU A 74 18.35 -8.65 -7.86
CA LEU A 74 17.17 -7.88 -8.23
C LEU A 74 17.09 -6.58 -7.44
N GLN A 75 17.49 -6.60 -6.17
CA GLN A 75 17.58 -5.36 -5.41
C GLN A 75 18.58 -4.40 -6.02
N ARG A 76 19.73 -4.93 -6.45
CA ARG A 76 20.77 -4.07 -7.02
C ARG A 76 20.28 -3.41 -8.30
N VAL A 77 19.65 -4.17 -9.18
CA VAL A 77 19.22 -3.61 -10.46
C VAL A 77 18.08 -2.62 -10.26
N PHE A 78 17.15 -2.92 -9.34
CA PHE A 78 16.10 -1.96 -9.04
C PHE A 78 16.67 -0.66 -8.46
N TYR A 79 17.63 -0.77 -7.53
CA TYR A 79 18.22 0.43 -6.97
C TYR A 79 18.92 1.25 -8.04
N GLU A 80 19.69 0.59 -8.90
CA GLU A 80 20.35 1.30 -9.98
C GLU A 80 19.33 1.92 -10.92
N LEU A 81 18.20 1.23 -11.14
CA LEU A 81 17.16 1.77 -12.00
C LEU A 81 16.43 2.95 -11.36
N GLN A 82 16.58 3.15 -10.05
CA GLN A 82 15.90 4.23 -9.37
C GLN A 82 16.77 5.46 -9.15
N HIS A 83 18.09 5.29 -8.98
CA HIS A 83 18.99 6.37 -8.62
C HIS A 83 19.99 6.75 -9.71
N SER A 84 20.50 5.79 -10.48
CA SER A 84 21.55 6.07 -11.44
C SER A 84 21.04 6.93 -12.59
N ASP A 85 21.87 7.87 -13.04
CA ASP A 85 21.56 8.66 -14.22
C ASP A 85 22.15 8.07 -15.50
N LYS A 86 22.91 6.99 -15.39
CA LYS A 86 23.43 6.27 -16.55
C LYS A 86 22.81 4.88 -16.61
N PRO A 87 22.73 4.28 -17.80
CA PRO A 87 22.02 3.01 -17.94
C PRO A 87 22.64 1.90 -17.10
N VAL A 88 21.77 1.00 -16.65
CA VAL A 88 22.09 0.02 -15.62
C VAL A 88 22.58 -1.27 -16.27
N GLY A 89 23.55 -1.92 -15.63
CA GLY A 89 24.06 -3.19 -16.08
C GLY A 89 23.40 -4.33 -15.33
N THR A 90 23.36 -5.50 -15.99
CA THR A 90 22.66 -6.67 -15.47
C THR A 90 23.56 -7.91 -15.46
N LYS A 91 24.88 -7.72 -15.43
CA LYS A 91 25.80 -8.84 -15.53
C LYS A 91 25.70 -9.76 -14.32
N LYS A 92 25.70 -9.16 -13.11
CA LYS A 92 25.63 -9.96 -11.90
C LYS A 92 24.34 -10.77 -11.84
N LEU A 93 23.22 -10.16 -12.22
CA LEU A 93 21.94 -10.87 -12.21
C LEU A 93 21.93 -12.02 -13.19
N THR A 94 22.52 -11.84 -14.38
CA THR A 94 22.61 -12.94 -15.34
C THR A 94 23.42 -14.10 -14.77
N LYS A 95 24.55 -13.78 -14.12
CA LYS A 95 25.29 -14.80 -13.41
C LYS A 95 24.47 -15.41 -12.28
N SER A 96 23.53 -14.63 -11.70
CA SER A 96 22.87 -15.04 -10.48
C SER A 96 22.01 -16.29 -10.69
N PHE A 97 21.16 -16.28 -11.71
CA PHE A 97 20.31 -17.44 -12.00
C PHE A 97 20.90 -18.36 -13.07
N GLY A 98 22.14 -18.13 -13.47
CA GLY A 98 22.88 -19.13 -14.24
C GLY A 98 22.33 -19.47 -15.60
N TRP A 99 21.88 -18.47 -16.36
CA TRP A 99 21.52 -18.68 -17.77
C TRP A 99 22.70 -18.20 -18.59
N GLU A 100 23.67 -19.10 -18.76
CA GLU A 100 24.93 -18.78 -19.39
C GLU A 100 25.26 -19.67 -20.57
N THR A 101 24.44 -20.67 -20.88
CA THR A 101 24.64 -21.42 -22.11
C THR A 101 24.23 -20.59 -23.31
N LEU A 102 24.82 -20.91 -24.47
CA LEU A 102 24.67 -20.05 -25.65
C LEU A 102 23.21 -19.88 -26.08
N ASP A 103 22.38 -20.89 -25.84
CA ASP A 103 20.98 -20.86 -26.25
C ASP A 103 20.02 -20.66 -25.07
N SER A 104 20.53 -20.28 -23.90
CA SER A 104 19.72 -20.27 -22.67
C SER A 104 18.52 -19.34 -22.79
N PHE A 105 18.72 -18.11 -23.25
CA PHE A 105 17.60 -17.18 -23.29
C PHE A 105 16.66 -17.45 -24.45
N MET A 106 17.16 -17.94 -25.58
CA MET A 106 16.22 -18.23 -26.66
C MET A 106 15.51 -19.56 -26.50
N GLN A 107 16.01 -20.48 -25.67
CA GLN A 107 15.26 -21.71 -25.47
C GLN A 107 14.16 -21.54 -24.43
N HIS A 108 14.35 -20.63 -23.47
CA HIS A 108 13.40 -20.49 -22.39
C HIS A 108 12.33 -19.47 -22.78
N ASP A 109 11.39 -19.24 -21.87
CA ASP A 109 10.27 -18.34 -22.13
C ASP A 109 10.36 -17.11 -21.23
N VAL A 110 9.63 -16.07 -21.63
CA VAL A 110 9.47 -14.91 -20.74
C VAL A 110 8.82 -15.35 -19.43
N GLN A 111 7.84 -16.27 -19.51
CA GLN A 111 7.20 -16.78 -18.31
C GLN A 111 8.21 -17.45 -17.38
N GLU A 112 9.10 -18.28 -17.95
CA GLU A 112 10.07 -18.99 -17.12
C GLU A 112 11.00 -18.02 -16.39
N LEU A 113 11.49 -17.00 -17.09
CA LEU A 113 12.36 -16.03 -16.45
C LEU A 113 11.63 -15.27 -15.35
N CYS A 114 10.37 -14.90 -15.60
CA CYS A 114 9.57 -14.26 -14.57
C CYS A 114 9.32 -15.21 -13.41
N ARG A 115 9.11 -16.50 -13.69
CA ARG A 115 8.96 -17.47 -12.62
C ARG A 115 10.25 -17.62 -11.83
N VAL A 116 11.40 -17.65 -12.52
CA VAL A 116 12.68 -17.81 -11.83
C VAL A 116 12.90 -16.66 -10.85
N LEU A 117 12.64 -15.43 -11.31
CA LEU A 117 12.84 -14.28 -10.45
C LEU A 117 11.78 -14.22 -9.35
N LEU A 118 10.51 -14.34 -9.71
CA LEU A 118 9.44 -14.11 -8.74
C LEU A 118 9.42 -15.19 -7.66
N ASP A 119 9.70 -16.45 -8.04
CA ASP A 119 9.79 -17.50 -7.04
C ASP A 119 10.92 -17.23 -6.06
N ASN A 120 12.06 -16.75 -6.56
CA ASN A 120 13.18 -16.44 -5.68
C ASN A 120 12.83 -15.34 -4.69
N VAL A 121 12.20 -14.27 -5.17
CA VAL A 121 11.84 -13.15 -4.29
C VAL A 121 10.78 -13.57 -3.29
N GLU A 122 9.74 -14.26 -3.77
CA GLU A 122 8.68 -14.73 -2.87
C GLU A 122 9.23 -15.68 -1.82
N ASN A 123 10.15 -16.56 -2.22
CA ASN A 123 10.78 -17.46 -1.28
C ASN A 123 11.63 -16.70 -0.27
N LYS A 124 12.28 -15.61 -0.72
CA LYS A 124 13.05 -14.77 0.17
C LYS A 124 12.16 -14.07 1.18
N MET A 125 10.96 -13.66 0.77
CA MET A 125 10.04 -12.95 1.65
C MET A 125 9.33 -13.85 2.65
N LYS A 126 9.48 -15.17 2.57
CA LYS A 126 8.87 -16.05 3.55
C LYS A 126 9.40 -15.75 4.95
N GLY A 127 8.49 -15.65 5.91
CA GLY A 127 8.86 -15.30 7.26
C GLY A 127 9.03 -13.83 7.51
N THR A 128 8.65 -12.98 6.57
CA THR A 128 8.83 -11.53 6.69
C THR A 128 7.48 -10.82 6.80
N CYS A 129 7.57 -9.52 7.08
CA CYS A 129 6.37 -8.68 7.17
C CYS A 129 5.72 -8.45 5.82
N VAL A 130 6.47 -8.57 4.74
CA VAL A 130 5.95 -8.34 3.40
C VAL A 130 5.66 -9.66 2.67
N GLU A 131 5.61 -10.76 3.41
CA GLU A 131 5.45 -12.08 2.83
C GLU A 131 4.14 -12.21 2.06
N GLY A 132 4.20 -12.93 0.93
CA GLY A 132 3.02 -13.16 0.12
C GLY A 132 2.69 -12.03 -0.83
N THR A 133 3.61 -11.09 -1.05
CA THR A 133 3.34 -9.99 -1.96
C THR A 133 3.19 -10.50 -3.39
N ILE A 134 4.06 -11.41 -3.81
CA ILE A 134 3.97 -11.96 -5.17
C ILE A 134 2.64 -12.67 -5.39
N PRO A 135 2.20 -13.59 -4.52
CA PRO A 135 0.87 -14.21 -4.75
C PRO A 135 -0.27 -13.21 -4.78
N LYS A 136 -0.24 -12.18 -3.92
CA LYS A 136 -1.36 -11.25 -3.89
C LYS A 136 -1.37 -10.29 -5.07
N LEU A 137 -0.27 -10.20 -5.83
CA LEU A 137 -0.24 -9.35 -7.01
C LEU A 137 -0.47 -10.11 -8.31
N PHE A 138 0.00 -11.36 -8.43
CA PHE A 138 0.01 -12.04 -9.71
C PHE A 138 -0.80 -13.33 -9.76
N ARG A 139 -1.14 -13.95 -8.62
CA ARG A 139 -1.79 -15.24 -8.67
C ARG A 139 -3.31 -15.10 -8.63
N GLY A 140 -4.00 -15.98 -9.37
CA GLY A 140 -5.44 -15.99 -9.41
C GLY A 140 -5.99 -17.40 -9.31
N LYS A 141 -7.27 -17.48 -8.98
CA LYS A 141 -7.95 -18.75 -8.80
C LYS A 141 -8.70 -19.14 -10.07
N MET A 142 -8.60 -20.42 -10.42
CA MET A 142 -9.18 -20.96 -11.64
C MET A 142 -9.65 -22.38 -11.39
N VAL A 143 -10.75 -22.76 -12.02
CA VAL A 143 -11.30 -24.10 -11.90
C VAL A 143 -11.28 -24.78 -13.27
N SER A 144 -10.78 -26.01 -13.31
CA SER A 144 -10.81 -26.86 -14.49
C SER A 144 -11.80 -27.98 -14.25
N TYR A 145 -12.77 -28.13 -15.15
CA TYR A 145 -13.87 -29.07 -14.96
C TYR A 145 -13.96 -30.06 -16.10
N ILE A 146 -14.42 -31.27 -15.77
CA ILE A 146 -14.76 -32.32 -16.73
C ILE A 146 -16.13 -32.88 -16.36
N GLN A 147 -17.12 -32.68 -17.22
CA GLN A 147 -18.51 -33.06 -16.95
C GLN A 147 -18.97 -34.11 -17.93
N CYS A 148 -19.39 -35.27 -17.42
CA CYS A 148 -19.99 -36.31 -18.23
C CYS A 148 -21.41 -35.92 -18.59
N LYS A 149 -21.85 -36.31 -19.79
CA LYS A 149 -23.17 -35.89 -20.27
C LYS A 149 -24.27 -36.92 -20.00
N GLU A 150 -23.98 -38.22 -20.10
CA GLU A 150 -24.98 -39.24 -19.90
C GLU A 150 -24.96 -39.85 -18.50
N VAL A 151 -23.79 -39.94 -17.89
CA VAL A 151 -23.65 -40.43 -16.51
C VAL A 151 -23.44 -39.25 -15.58
N ASP A 152 -23.82 -39.44 -14.31
CA ASP A 152 -23.83 -38.39 -13.29
C ASP A 152 -22.47 -38.33 -12.58
N TYR A 153 -21.47 -37.80 -13.30
CA TYR A 153 -20.17 -37.57 -12.68
C TYR A 153 -19.56 -36.28 -13.20
N ARG A 154 -18.87 -35.56 -12.30
CA ARG A 154 -18.17 -34.34 -12.61
C ARG A 154 -16.91 -34.27 -11.75
N SER A 155 -15.85 -33.69 -12.29
CA SER A 155 -14.58 -33.55 -11.58
C SER A 155 -14.17 -32.09 -11.59
N ASP A 156 -14.22 -31.45 -10.41
CA ASP A 156 -13.83 -30.06 -10.24
C ASP A 156 -12.55 -30.02 -9.42
N ARG A 157 -11.51 -29.41 -9.99
CA ARG A 157 -10.25 -29.21 -9.29
C ARG A 157 -9.81 -27.76 -9.45
N ARG A 158 -9.29 -27.20 -8.36
CA ARG A 158 -8.86 -25.81 -8.31
C ARG A 158 -7.42 -25.70 -8.79
N GLU A 159 -7.16 -24.68 -9.62
CA GLU A 159 -5.81 -24.38 -10.08
C GLU A 159 -5.45 -22.95 -9.73
N ASP A 160 -4.14 -22.72 -9.58
CA ASP A 160 -3.58 -21.40 -9.42
C ASP A 160 -2.76 -21.06 -10.66
N TYR A 161 -2.75 -19.78 -11.02
CA TYR A 161 -2.00 -19.32 -12.17
C TYR A 161 -1.33 -17.99 -11.87
N TYR A 162 -0.14 -17.79 -12.44
CA TYR A 162 0.55 -16.52 -12.40
C TYR A 162 0.62 -15.84 -13.77
N ASP A 163 0.21 -16.53 -14.82
CA ASP A 163 0.25 -16.00 -16.17
C ASP A 163 -0.74 -16.78 -17.02
N ILE A 164 -1.18 -16.15 -18.11
CA ILE A 164 -2.19 -16.70 -19.00
C ILE A 164 -1.62 -16.72 -20.41
N GLN A 165 -1.58 -17.89 -21.03
CA GLN A 165 -1.12 -18.03 -22.41
C GLN A 165 -2.34 -18.00 -23.33
N LEU A 166 -2.41 -17.01 -24.19
CA LEU A 166 -3.58 -16.77 -25.03
C LEU A 166 -3.36 -17.24 -26.45
N SER A 167 -4.37 -17.90 -27.01
CA SER A 167 -4.35 -18.30 -28.41
C SER A 167 -4.55 -17.07 -29.30
N ILE A 168 -3.90 -17.09 -30.47
CA ILE A 168 -3.86 -15.94 -31.37
C ILE A 168 -4.40 -16.28 -32.75
N LYS A 169 -3.94 -17.39 -33.32
CA LYS A 169 -4.33 -17.76 -34.68
C LYS A 169 -5.85 -17.93 -34.75
N GLY A 170 -6.49 -17.15 -35.61
CA GLY A 170 -7.93 -17.18 -35.76
C GLY A 170 -8.68 -16.26 -34.82
N LYS A 171 -8.02 -15.68 -33.83
CA LYS A 171 -8.65 -14.74 -32.90
C LYS A 171 -8.16 -13.33 -33.19
N LYS A 172 -9.09 -12.39 -33.31
CA LYS A 172 -8.71 -11.05 -33.74
C LYS A 172 -8.40 -10.11 -32.58
N ASN A 173 -8.99 -10.32 -31.40
CA ASN A 173 -8.72 -9.46 -30.26
C ASN A 173 -8.73 -10.28 -28.98
N ILE A 174 -8.44 -9.61 -27.87
CA ILE A 174 -8.34 -10.30 -26.58
C ILE A 174 -9.69 -10.89 -26.18
N PHE A 175 -10.79 -10.19 -26.50
CA PHE A 175 -12.11 -10.70 -26.17
C PHE A 175 -12.35 -12.08 -26.78
N GLU A 176 -12.11 -12.19 -28.09
CA GLU A 176 -12.24 -13.50 -28.75
C GLU A 176 -11.22 -14.47 -28.19
N SER A 177 -10.01 -13.99 -27.86
CA SER A 177 -8.99 -14.86 -27.30
C SER A 177 -9.45 -15.47 -25.98
N PHE A 178 -10.07 -14.67 -25.11
CA PHE A 178 -10.55 -15.18 -23.84
C PHE A 178 -11.75 -16.11 -24.03
N VAL A 179 -12.62 -15.79 -24.99
CA VAL A 179 -13.76 -16.68 -25.27
C VAL A 179 -13.27 -18.07 -25.64
N ASP A 180 -12.20 -18.13 -26.43
CA ASP A 180 -11.62 -19.42 -26.80
C ASP A 180 -11.04 -20.14 -25.58
N TYR A 181 -10.49 -19.39 -24.63
CA TYR A 181 -9.92 -20.02 -23.43
C TYR A 181 -11.02 -20.68 -22.60
N VAL A 182 -12.19 -20.04 -22.49
CA VAL A 182 -13.31 -20.59 -21.74
C VAL A 182 -14.22 -21.45 -22.60
N ALA A 183 -13.90 -21.62 -23.89
CA ALA A 183 -14.71 -22.46 -24.76
C ALA A 183 -14.67 -23.90 -24.29
N VAL A 184 -15.81 -24.59 -24.43
CA VAL A 184 -15.95 -25.96 -23.94
C VAL A 184 -15.27 -26.92 -24.92
N GLU A 185 -14.36 -27.74 -24.39
CA GLU A 185 -13.74 -28.81 -25.18
C GLU A 185 -14.58 -30.08 -25.08
N GLN A 186 -14.61 -30.82 -26.18
CA GLN A 186 -15.40 -32.04 -26.28
C GLN A 186 -14.49 -33.25 -26.20
N LEU A 187 -14.88 -34.24 -25.41
CA LEU A 187 -14.15 -35.49 -25.27
C LEU A 187 -15.05 -36.60 -25.80
N ASP A 188 -14.95 -36.85 -27.11
CA ASP A 188 -15.73 -37.87 -27.79
C ASP A 188 -14.91 -39.16 -27.90
N GLY A 189 -15.45 -40.14 -28.64
CA GLY A 189 -14.76 -41.41 -28.86
C GLY A 189 -13.36 -41.19 -29.37
N ASP A 190 -12.42 -42.04 -28.96
CA ASP A 190 -10.98 -41.95 -29.19
C ASP A 190 -10.37 -40.89 -28.26
N ASN A 191 -11.20 -40.10 -27.56
CA ASN A 191 -10.73 -39.18 -26.53
C ASN A 191 -11.61 -39.25 -25.28
N LYS A 192 -12.48 -40.25 -25.18
CA LYS A 192 -13.45 -40.31 -24.10
C LYS A 192 -12.76 -40.29 -22.74
N TYR A 193 -13.34 -39.50 -21.83
CA TYR A 193 -12.79 -39.38 -20.49
C TYR A 193 -12.92 -40.69 -19.74
N ASP A 194 -11.87 -41.03 -18.99
CA ASP A 194 -11.87 -42.23 -18.15
C ASP A 194 -12.58 -41.88 -16.85
N ALA A 195 -13.88 -42.19 -16.79
CA ALA A 195 -14.65 -41.87 -15.60
C ALA A 195 -14.50 -42.92 -14.49
N GLY A 196 -13.58 -43.87 -14.66
CA GLY A 196 -13.33 -44.86 -13.63
C GLY A 196 -14.50 -45.79 -13.40
N GLU A 197 -15.20 -45.58 -12.27
CA GLU A 197 -16.37 -46.39 -11.93
C GLU A 197 -17.43 -46.38 -13.03
N HIS A 198 -17.56 -45.27 -13.75
CA HIS A 198 -18.53 -45.13 -14.81
C HIS A 198 -17.97 -45.50 -16.18
N GLY A 199 -16.72 -45.97 -16.24
CA GLY A 199 -16.13 -46.37 -17.50
C GLY A 199 -15.84 -45.18 -18.40
N LEU A 200 -15.56 -45.51 -19.65
CA LEU A 200 -15.31 -44.47 -20.65
C LEU A 200 -16.58 -43.69 -20.95
N GLN A 201 -16.47 -42.37 -21.00
CA GLN A 201 -17.62 -41.50 -21.08
C GLN A 201 -17.37 -40.38 -22.07
N GLU A 202 -18.46 -39.88 -22.66
CA GLU A 202 -18.41 -38.79 -23.63
C GLU A 202 -18.70 -37.50 -22.87
N ALA A 203 -17.64 -36.93 -22.29
CA ALA A 203 -17.76 -35.78 -21.41
C ALA A 203 -17.42 -34.47 -22.14
N GLU A 204 -17.44 -33.38 -21.38
CA GLU A 204 -17.00 -32.06 -21.82
C GLU A 204 -15.97 -31.54 -20.84
N LYS A 205 -14.91 -30.92 -21.35
CA LYS A 205 -13.85 -30.38 -20.52
C LYS A 205 -13.74 -28.87 -20.74
N GLY A 206 -13.59 -28.14 -19.64
CA GLY A 206 -13.46 -26.69 -19.76
C GLY A 206 -12.78 -26.09 -18.55
N VAL A 207 -12.59 -24.77 -18.64
CA VAL A 207 -11.98 -23.97 -17.58
C VAL A 207 -12.68 -22.62 -17.55
N LYS A 208 -13.02 -22.14 -16.35
CA LYS A 208 -13.61 -20.82 -16.18
C LYS A 208 -12.88 -20.08 -15.06
N PHE A 209 -12.90 -18.75 -15.14
CA PHE A 209 -12.13 -17.93 -14.22
C PHE A 209 -12.88 -17.72 -12.91
N LEU A 210 -12.23 -18.05 -11.80
CA LEU A 210 -12.77 -17.71 -10.48
C LEU A 210 -12.42 -16.27 -10.10
N THR A 211 -11.13 -15.94 -10.10
CA THR A 211 -10.66 -14.62 -9.72
C THR A 211 -9.54 -14.17 -10.66
N LEU A 212 -9.35 -12.86 -10.74
CA LEU A 212 -8.32 -12.25 -11.57
C LEU A 212 -7.38 -11.40 -10.71
N PRO A 213 -6.07 -11.53 -10.89
CA PRO A 213 -5.11 -10.87 -10.01
C PRO A 213 -5.05 -9.37 -10.25
N PRO A 214 -4.51 -8.60 -9.31
CA PRO A 214 -4.33 -7.16 -9.55
C PRO A 214 -3.40 -6.85 -10.72
N VAL A 215 -2.40 -7.69 -10.97
CA VAL A 215 -1.48 -7.51 -12.10
C VAL A 215 -1.62 -8.74 -12.99
N LEU A 216 -1.99 -8.53 -14.25
CA LEU A 216 -2.34 -9.60 -15.16
C LEU A 216 -1.24 -9.74 -16.21
N HIS A 217 -0.57 -10.89 -16.22
CA HIS A 217 0.45 -11.17 -17.21
C HIS A 217 -0.16 -12.04 -18.31
N LEU A 218 -0.33 -11.46 -19.50
CA LEU A 218 -0.92 -12.15 -20.63
C LEU A 218 0.15 -12.36 -21.69
N GLN A 219 0.42 -13.63 -22.00
CA GLN A 219 1.35 -13.99 -23.07
C GLN A 219 0.57 -14.33 -24.33
N LEU A 220 0.96 -13.73 -25.44
CA LEU A 220 0.25 -13.88 -26.70
C LEU A 220 0.97 -14.93 -27.55
N MET A 221 0.35 -16.12 -27.67
CA MET A 221 0.98 -17.27 -28.31
C MET A 221 0.87 -17.15 -29.83
N ARG A 222 1.70 -16.27 -30.39
CA ARG A 222 1.72 -16.05 -31.84
C ARG A 222 2.89 -16.82 -32.47
N PHE A 223 2.71 -18.14 -32.56
CA PHE A 223 3.68 -19.01 -33.24
C PHE A 223 3.03 -20.36 -33.52
N MET A 224 3.66 -21.13 -34.40
CA MET A 224 3.12 -22.44 -34.74
C MET A 224 4.22 -23.36 -35.26
N TYR A 225 4.05 -24.66 -34.98
CA TYR A 225 4.85 -25.71 -35.60
C TYR A 225 4.05 -27.00 -35.52
N GLN A 228 5.97 -30.20 -41.42
CA GLN A 228 6.37 -28.92 -41.99
C GLN A 228 7.80 -28.58 -41.57
N THR A 229 8.51 -27.88 -42.48
CA THR A 229 9.90 -27.40 -42.37
C THR A 229 10.61 -28.06 -41.19
N ASP A 230 11.23 -27.29 -40.27
CA ASP A 230 11.58 -27.83 -38.95
C ASP A 230 11.59 -26.75 -37.86
N GLN A 231 10.82 -25.67 -37.99
CA GLN A 231 11.02 -24.56 -37.07
C GLN A 231 9.71 -23.99 -36.54
N ASN A 232 9.83 -23.25 -35.43
CA ASN A 232 8.72 -22.48 -34.88
C ASN A 232 8.80 -21.09 -35.49
N ILE A 233 7.77 -20.73 -36.26
CA ILE A 233 7.75 -19.47 -37.00
C ILE A 233 6.75 -18.54 -36.30
N LYS A 234 6.76 -17.27 -36.69
CA LYS A 234 5.92 -16.27 -36.05
C LYS A 234 4.60 -16.15 -36.78
N ILE A 235 3.53 -15.94 -36.01
CA ILE A 235 2.22 -15.62 -36.57
C ILE A 235 2.13 -14.10 -36.51
N ASN A 236 2.36 -13.46 -37.65
CA ASN A 236 2.39 -12.01 -37.72
C ASN A 236 1.01 -11.41 -37.87
N ASP A 237 -0.03 -12.18 -37.55
CA ASP A 237 -1.40 -11.73 -37.77
C ASP A 237 -1.73 -10.56 -36.86
N ARG A 238 -2.72 -9.78 -37.29
CA ARG A 238 -3.19 -8.65 -36.51
C ARG A 238 -3.95 -9.15 -35.28
N PHE A 239 -3.66 -8.53 -34.14
CA PHE A 239 -4.32 -8.90 -32.90
C PHE A 239 -4.48 -7.63 -32.08
N GLU A 240 -5.72 -7.36 -31.67
CA GLU A 240 -6.04 -6.12 -31.00
C GLU A 240 -6.18 -6.36 -29.50
N PHE A 241 -5.65 -5.41 -28.72
CA PHE A 241 -5.79 -5.41 -27.28
C PHE A 241 -6.20 -4.01 -26.85
N PRO A 242 -7.20 -3.87 -26.00
CA PRO A 242 -7.68 -2.55 -25.63
C PRO A 242 -6.89 -1.94 -24.48
N GLU A 243 -6.92 -0.61 -24.42
CA GLU A 243 -6.31 0.09 -23.29
C GLU A 243 -7.00 -0.28 -21.99
N GLN A 244 -8.30 -0.51 -22.04
CA GLN A 244 -9.09 -0.91 -20.88
C GLN A 244 -9.76 -2.24 -21.22
N LEU A 245 -9.55 -3.24 -20.37
CA LEU A 245 -9.98 -4.62 -20.65
C LEU A 245 -11.00 -5.07 -19.61
N PRO A 246 -12.30 -5.06 -19.95
CA PRO A 246 -13.30 -5.61 -19.03
C PRO A 246 -13.32 -7.13 -19.10
N LEU A 247 -13.27 -7.78 -17.94
CA LEU A 247 -13.21 -9.23 -17.88
C LEU A 247 -14.24 -9.81 -16.90
N ASP A 248 -15.27 -9.04 -16.55
CA ASP A 248 -16.29 -9.54 -15.63
C ASP A 248 -17.03 -10.74 -16.21
N GLU A 249 -17.31 -10.73 -17.51
CA GLU A 249 -18.13 -11.78 -18.10
C GLU A 249 -17.42 -13.13 -18.15
N PHE A 250 -16.09 -13.15 -18.02
CA PHE A 250 -15.36 -14.41 -17.98
C PHE A 250 -15.18 -14.94 -16.57
N LEU A 251 -15.61 -14.20 -15.56
CA LEU A 251 -15.65 -14.69 -14.20
C LEU A 251 -16.90 -15.54 -13.99
N GLN A 252 -16.76 -16.63 -13.23
CA GLN A 252 -17.92 -17.48 -12.96
C GLN A 252 -19.02 -16.71 -12.25
N LYS A 253 -18.66 -15.90 -11.25
CA LYS A 253 -19.60 -14.98 -10.63
C LYS A 253 -18.88 -13.66 -10.40
N THR A 254 -19.37 -12.62 -11.06
CA THR A 254 -18.77 -11.30 -10.92
C THR A 254 -19.03 -10.73 -9.53
N ASP A 255 -18.23 -9.72 -9.17
CA ASP A 255 -18.37 -9.04 -7.89
C ASP A 255 -18.68 -7.58 -8.11
N PRO A 256 -19.87 -7.09 -7.75
CA PRO A 256 -20.12 -5.64 -7.74
C PRO A 256 -19.19 -4.94 -6.76
N LYS A 257 -18.96 -3.65 -7.04
CA LYS A 257 -18.03 -2.77 -6.33
C LYS A 257 -16.57 -3.17 -6.59
N ASP A 258 -16.32 -4.26 -7.34
CA ASP A 258 -14.98 -4.58 -7.83
C ASP A 258 -15.13 -5.32 -9.16
N PRO A 259 -15.49 -4.61 -10.21
CA PRO A 259 -15.55 -5.24 -11.53
C PRO A 259 -14.16 -5.64 -12.01
N ALA A 260 -14.11 -6.67 -12.84
CA ALA A 260 -12.85 -7.10 -13.42
C ALA A 260 -12.45 -6.17 -14.57
N ASN A 261 -12.21 -4.91 -14.19
CA ASN A 261 -11.78 -3.89 -15.13
C ASN A 261 -10.28 -3.67 -14.99
N TYR A 262 -9.58 -3.70 -16.13
CA TYR A 262 -8.13 -3.66 -16.15
C TYR A 262 -7.66 -2.57 -17.11
N ILE A 263 -6.49 -2.02 -16.81
CA ILE A 263 -5.89 -0.96 -17.58
C ILE A 263 -4.55 -1.47 -18.12
N LEU A 264 -4.31 -1.27 -19.40
CA LEU A 264 -3.07 -1.73 -20.01
C LEU A 264 -1.88 -0.99 -19.40
N HIS A 265 -0.87 -1.75 -19.00
CA HIS A 265 0.32 -1.20 -18.38
C HIS A 265 1.57 -1.38 -19.22
N ALA A 266 1.89 -2.61 -19.63
CA ALA A 266 3.11 -2.88 -20.38
C ALA A 266 2.79 -3.66 -21.64
N VAL A 267 3.48 -3.34 -22.72
CA VAL A 267 3.35 -4.02 -23.99
C VAL A 267 4.76 -4.42 -24.40
N LEU A 268 5.06 -5.72 -24.32
CA LEU A 268 6.39 -6.23 -24.62
C LEU A 268 6.43 -6.61 -26.10
N VAL A 269 7.38 -6.04 -26.84
CA VAL A 269 7.41 -6.18 -28.28
C VAL A 269 8.73 -6.78 -28.70
N HIS A 270 8.70 -7.46 -29.85
CA HIS A 270 9.82 -8.10 -30.51
C HIS A 270 9.80 -7.60 -31.95
N SER A 271 10.96 -7.39 -32.55
CA SER A 271 11.00 -6.96 -33.95
C SER A 271 11.61 -8.04 -34.83
N GLY A 272 10.95 -8.26 -35.96
CA GLY A 272 11.00 -9.50 -36.70
C GLY A 272 11.58 -9.67 -38.09
N ASP A 273 12.80 -9.19 -38.36
CA ASP A 273 13.43 -9.58 -39.61
C ASP A 273 13.69 -11.08 -39.60
N ASN A 274 14.36 -11.61 -40.62
CA ASN A 274 14.37 -13.05 -40.82
C ASN A 274 14.98 -13.79 -39.63
N HIS A 275 16.17 -13.37 -39.19
CA HIS A 275 16.67 -13.98 -37.97
C HIS A 275 16.50 -13.00 -36.81
N GLY A 276 17.29 -11.94 -36.86
CA GLY A 276 17.20 -10.77 -36.01
C GLY A 276 16.73 -10.98 -34.58
N GLY A 277 15.70 -10.22 -34.21
CA GLY A 277 15.16 -10.27 -32.88
C GLY A 277 15.67 -9.17 -31.96
N HIS A 278 14.77 -8.27 -31.60
CA HIS A 278 15.06 -7.13 -30.73
C HIS A 278 13.89 -6.92 -29.79
N TYR A 279 14.15 -6.90 -28.49
CA TYR A 279 13.10 -6.89 -27.47
C TYR A 279 13.04 -5.53 -26.81
N VAL A 280 11.94 -4.81 -27.01
CA VAL A 280 11.66 -3.54 -26.36
C VAL A 280 10.30 -3.64 -25.66
N VAL A 281 10.10 -2.77 -24.67
CA VAL A 281 8.88 -2.76 -23.87
C VAL A 281 8.30 -1.34 -23.87
N TYR A 282 6.98 -1.25 -24.09
CA TYR A 282 6.25 -0.01 -24.01
C TYR A 282 5.53 0.06 -22.66
N LEU A 283 5.68 1.18 -21.96
CA LEU A 283 5.17 1.31 -20.60
C LEU A 283 4.57 2.69 -20.38
N ASN A 284 3.46 2.73 -19.63
CA ASN A 284 3.00 3.94 -18.97
C ASN A 284 3.18 3.71 -17.47
N PRO A 285 4.34 4.05 -16.91
CA PRO A 285 4.66 3.62 -15.55
C PRO A 285 3.68 4.07 -14.50
N LYS A 286 3.10 5.26 -14.67
CA LYS A 286 2.14 5.79 -13.71
C LYS A 286 0.71 5.37 -14.03
N GLY A 287 0.49 4.54 -15.06
CA GLY A 287 -0.85 4.16 -15.41
C GLY A 287 -1.70 5.30 -15.93
N ASP A 288 -1.09 6.44 -16.24
CA ASP A 288 -1.78 7.64 -16.66
C ASP A 288 -1.98 7.75 -18.16
N GLY A 289 -1.58 6.74 -18.92
CA GLY A 289 -1.62 6.85 -20.36
C GLY A 289 -0.49 7.67 -20.97
N LYS A 290 0.48 8.07 -20.16
CA LYS A 290 1.68 8.75 -20.65
C LYS A 290 2.73 7.66 -20.90
N TRP A 291 2.90 7.28 -22.16
CA TRP A 291 3.65 6.09 -22.51
C TRP A 291 5.09 6.42 -22.90
N CYS A 292 6.00 5.51 -22.55
CA CYS A 292 7.39 5.57 -22.95
C CYS A 292 7.82 4.27 -23.60
N LYS A 293 8.82 4.37 -24.49
CA LYS A 293 9.44 3.21 -25.10
C LYS A 293 10.80 2.99 -24.45
N PHE A 294 11.01 1.79 -23.91
CA PHE A 294 12.25 1.43 -23.25
C PHE A 294 13.04 0.51 -24.18
N ASP A 295 13.90 1.11 -24.99
CA ASP A 295 14.77 0.37 -25.91
C ASP A 295 16.16 0.25 -25.28
N ASP A 296 16.28 -0.68 -24.32
CA ASP A 296 17.50 -0.87 -23.55
C ASP A 296 17.91 0.42 -22.85
N ASP A 297 19.05 0.97 -23.25
CA ASP A 297 19.57 2.20 -22.67
C ASP A 297 18.82 3.43 -23.14
N VAL A 298 18.00 3.32 -24.18
CA VAL A 298 17.27 4.45 -24.73
C VAL A 298 15.84 4.40 -24.19
N VAL A 299 15.48 5.40 -23.37
CA VAL A 299 14.14 5.57 -22.85
C VAL A 299 13.61 6.88 -23.44
N SER A 300 12.51 6.79 -24.18
CA SER A 300 11.99 7.94 -24.90
C SER A 300 10.48 8.00 -24.77
N ARG A 301 9.95 9.18 -25.00
CA ARG A 301 8.50 9.36 -25.03
C ARG A 301 7.94 8.88 -26.37
N CYS A 302 6.70 8.38 -26.32
CA CYS A 302 6.05 7.88 -27.53
C CYS A 302 4.55 8.11 -27.41
N THR A 303 3.89 8.12 -28.57
CA THR A 303 2.46 8.30 -28.60
C THR A 303 1.74 7.05 -28.13
N LYS A 304 0.52 7.24 -27.60
CA LYS A 304 -0.27 6.09 -27.21
C LYS A 304 -0.67 5.25 -28.42
N GLU A 305 -0.77 5.89 -29.59
CA GLU A 305 -0.97 5.13 -30.82
C GLU A 305 0.23 4.24 -31.11
N GLU A 306 1.44 4.74 -30.84
CA GLU A 306 2.64 3.94 -31.10
C GLU A 306 2.73 2.74 -30.16
N ALA A 307 2.19 2.85 -28.95
CA ALA A 307 2.28 1.76 -27.98
C ALA A 307 1.19 0.73 -28.13
N ILE A 308 0.00 1.12 -28.58
CA ILE A 308 -1.15 0.22 -28.57
C ILE A 308 -1.55 -0.15 -29.99
N GLU A 309 -2.01 0.83 -30.78
CA GLU A 309 -2.57 0.51 -32.10
C GLU A 309 -1.47 0.04 -33.05
N HIS A 310 -0.27 0.60 -32.95
CA HIS A 310 0.81 0.28 -33.86
C HIS A 310 1.44 -1.09 -33.60
N ASN A 311 1.11 -1.73 -32.48
CA ASN A 311 1.64 -3.06 -32.17
C ASN A 311 0.64 -4.17 -32.45
N TYR A 312 -0.46 -3.86 -33.13
CA TYR A 312 -1.46 -4.87 -33.42
C TYR A 312 -0.98 -5.90 -34.45
N GLY A 313 -0.03 -5.52 -35.32
CA GLY A 313 0.53 -6.45 -36.29
C GLY A 313 -0.03 -6.33 -37.70
N HIS A 323 11.64 -6.41 -40.94
CA HIS A 323 11.42 -5.90 -39.58
C HIS A 323 9.97 -5.92 -39.14
N CYS A 324 9.38 -7.12 -39.13
CA CYS A 324 7.99 -7.27 -38.72
C CYS A 324 7.92 -7.24 -37.20
N THR A 325 7.34 -6.18 -36.64
CA THR A 325 7.22 -6.07 -35.19
C THR A 325 5.98 -6.81 -34.71
N ASN A 326 6.11 -7.57 -33.62
CA ASN A 326 5.00 -8.32 -33.05
C ASN A 326 4.94 -8.11 -31.55
N ALA A 327 3.73 -7.91 -31.04
CA ALA A 327 3.48 -7.83 -29.61
C ALA A 327 3.21 -9.23 -29.08
N TYR A 328 3.96 -9.63 -28.04
CA TYR A 328 3.85 -10.99 -27.53
C TYR A 328 3.43 -11.10 -26.07
N MET A 329 3.59 -10.06 -25.27
CA MET A 329 3.19 -10.09 -23.87
C MET A 329 2.57 -8.77 -23.45
N LEU A 330 1.50 -8.85 -22.67
CA LEU A 330 0.77 -7.67 -22.19
C LEU A 330 0.61 -7.76 -20.68
N VAL A 331 0.66 -6.60 -20.02
CA VAL A 331 0.46 -6.50 -18.57
C VAL A 331 -0.68 -5.53 -18.31
N TYR A 332 -1.70 -6.01 -17.59
CA TYR A 332 -2.85 -5.21 -17.21
C TYR A 332 -2.89 -5.10 -15.68
N ILE A 333 -3.39 -3.97 -15.21
CA ILE A 333 -3.55 -3.73 -13.77
C ILE A 333 -5.01 -3.41 -13.50
N ARG A 334 -5.58 -4.05 -12.48
CA ARG A 334 -6.99 -3.86 -12.15
C ARG A 334 -7.23 -2.43 -11.72
N GLU A 335 -8.36 -1.89 -12.18
CA GLU A 335 -8.67 -0.49 -11.90
C GLU A 335 -8.80 -0.23 -10.41
N SER A 336 -9.43 -1.15 -9.68
CA SER A 336 -9.60 -0.97 -8.24
C SER A 336 -8.26 -1.02 -7.50
N LYS A 337 -7.26 -1.69 -8.07
CA LYS A 337 -5.96 -1.84 -7.43
C LYS A 337 -4.89 -0.91 -8.00
N LEU A 338 -5.25 0.00 -8.93
CA LEU A 338 -4.24 0.72 -9.68
C LEU A 338 -3.38 1.61 -8.78
N SER A 339 -4.00 2.32 -7.83
CA SER A 339 -3.23 3.22 -6.98
C SER A 339 -2.32 2.46 -6.03
N GLU A 340 -2.79 1.33 -5.49
CA GLU A 340 -1.98 0.56 -4.54
C GLU A 340 -0.86 -0.19 -5.25
N VAL A 341 -1.13 -0.72 -6.45
CA VAL A 341 -0.08 -1.40 -7.20
C VAL A 341 1.00 -0.43 -7.65
N LEU A 342 0.60 0.78 -8.02
CA LEU A 342 1.52 1.81 -8.50
C LEU A 342 1.82 2.86 -7.45
N GLN A 343 1.98 2.44 -6.18
CA GLN A 343 2.31 3.37 -5.11
C GLN A 343 3.50 4.23 -5.47
N ALA A 344 3.54 5.44 -4.90
CA ALA A 344 4.75 6.23 -4.99
C ALA A 344 5.86 5.52 -4.22
N VAL A 345 7.06 5.53 -4.78
CA VAL A 345 8.22 4.91 -4.17
C VAL A 345 9.29 5.98 -3.97
N THR A 346 9.63 6.25 -2.71
CA THR A 346 10.62 7.26 -2.35
C THR A 346 11.97 6.60 -2.06
N ASP A 347 13.02 7.43 -2.04
CA ASP A 347 14.36 6.94 -1.79
C ASP A 347 14.54 6.39 -0.37
N HIS A 348 13.73 6.85 0.57
CA HIS A 348 13.75 6.36 1.94
C HIS A 348 13.03 5.03 2.11
N ASP A 349 12.22 4.60 1.14
CA ASP A 349 11.62 3.28 1.20
C ASP A 349 12.68 2.18 1.19
N ILE A 350 13.88 2.49 0.73
CA ILE A 350 14.98 1.52 0.70
C ILE A 350 15.69 1.57 2.04
N PRO A 351 15.83 0.43 2.74
CA PRO A 351 16.51 0.44 4.04
C PRO A 351 17.96 0.91 3.94
N GLN A 352 18.42 1.55 5.01
CA GLN A 352 19.77 2.14 4.98
C GLN A 352 20.86 1.09 4.86
N GLN A 353 20.69 -0.07 5.51
CA GLN A 353 21.71 -1.11 5.35
C GLN A 353 21.75 -1.68 3.94
N LEU A 354 20.61 -1.74 3.26
CA LEU A 354 20.63 -2.11 1.85
C LEU A 354 21.39 -1.06 1.04
N VAL A 355 21.15 0.21 1.33
CA VAL A 355 21.83 1.30 0.63
C VAL A 355 23.34 1.22 0.89
N GLU A 356 23.73 0.90 2.13
CA GLU A 356 25.15 0.86 2.47
C GLU A 356 25.88 -0.23 1.71
N ARG A 357 25.28 -1.42 1.56
CA ARG A 357 25.98 -2.51 0.90
C ARG A 357 26.17 -2.25 -0.59
N LEU A 358 25.15 -1.71 -1.26
CA LEU A 358 25.26 -1.47 -2.69
C LEU A 358 26.29 -0.39 -3.01
N GLN A 359 26.30 0.69 -2.22
CA GLN A 359 27.30 1.73 -2.45
C GLN A 359 28.71 1.21 -2.19
N GLU A 360 28.86 0.30 -1.23
CA GLU A 360 30.17 -0.31 -1.00
C GLU A 360 30.61 -1.11 -2.22
N GLU A 361 29.70 -1.85 -2.84
CA GLU A 361 30.06 -2.59 -4.05
C GLU A 361 30.50 -1.65 -5.16
N LYS A 362 29.76 -0.54 -5.36
CA LYS A 362 30.15 0.41 -6.39
C LYS A 362 31.48 1.06 -6.09
N ARG A 363 31.82 1.24 -4.81
CA ARG A 363 33.15 1.72 -4.46
C ARG A 363 34.22 0.74 -4.90
N ILE A 364 34.00 -0.55 -4.68
CA ILE A 364 35.00 -1.56 -5.02
C ILE A 364 35.23 -1.61 -6.53
N GLU A 365 34.16 -1.47 -7.32
CA GLU A 365 34.33 -1.47 -8.77
C GLU A 365 35.06 -0.23 -9.28
N ALA A 366 34.84 0.92 -8.64
CA ALA A 366 35.46 2.16 -9.12
C ALA A 366 36.98 2.17 -8.94
N GLN A 367 37.52 1.22 -8.19
CA GLN A 367 38.95 1.14 -7.93
C GLN A 367 39.63 0.09 -8.80
N LYS B 23 -24.09 -1.49 7.67
CA LYS B 23 -24.39 -1.42 6.24
C LYS B 23 -25.03 -0.09 5.88
N HIS B 24 -25.52 -0.01 4.63
CA HIS B 24 -26.11 1.15 3.98
C HIS B 24 -25.03 2.18 3.62
N THR B 25 -23.84 2.04 4.20
CA THR B 25 -22.72 2.89 3.87
C THR B 25 -21.42 2.12 3.77
N GLY B 26 -21.44 0.80 3.99
CA GLY B 26 -20.22 0.02 4.04
C GLY B 26 -19.47 0.12 5.34
N TYR B 27 -19.91 0.98 6.27
CA TYR B 27 -19.23 1.18 7.55
C TYR B 27 -20.23 1.06 8.69
N VAL B 28 -19.88 0.27 9.70
CA VAL B 28 -20.74 0.06 10.86
C VAL B 28 -20.22 0.93 12.00
N GLY B 29 -21.11 1.19 12.97
CA GLY B 29 -20.81 2.08 14.06
C GLY B 29 -20.37 1.39 15.35
N LEU B 30 -20.09 2.22 16.34
CA LEU B 30 -19.71 1.78 17.68
C LEU B 30 -20.80 2.16 18.66
N LYS B 31 -21.11 1.27 19.58
CA LYS B 31 -22.21 1.52 20.51
C LYS B 31 -21.81 2.54 21.58
N ASN B 32 -22.77 3.37 21.97
CA ASN B 32 -22.61 4.28 23.10
C ASN B 32 -22.78 3.46 24.38
N GLN B 33 -21.69 3.29 25.11
CA GLN B 33 -21.67 2.46 26.32
C GLN B 33 -21.14 3.28 27.50
N GLY B 34 -21.83 4.38 27.80
CA GLY B 34 -21.44 5.25 28.88
C GLY B 34 -20.61 6.42 28.40
N ALA B 35 -20.09 7.16 29.38
CA ALA B 35 -19.32 8.37 29.11
C ALA B 35 -17.94 7.99 28.58
N THR B 36 -17.92 7.44 27.37
CA THR B 36 -16.69 7.07 26.70
C THR B 36 -16.03 8.25 26.00
N CYS B 37 -16.75 9.37 25.87
CA CYS B 37 -16.24 10.62 25.32
C CYS B 37 -15.67 10.37 23.93
N TYR B 38 -14.41 10.72 23.67
CA TYR B 38 -13.77 10.66 22.37
C TYR B 38 -13.45 9.24 21.91
N MET B 39 -13.63 8.24 22.78
CA MET B 39 -13.13 6.90 22.47
C MET B 39 -13.71 6.37 21.16
N ASN B 40 -15.01 6.51 20.96
CA ASN B 40 -15.60 6.03 19.71
C ASN B 40 -15.00 6.75 18.51
N SER B 41 -14.86 8.08 18.60
CA SER B 41 -14.30 8.83 17.48
C SER B 41 -12.86 8.41 17.21
N LEU B 42 -12.06 8.24 18.26
CA LEU B 42 -10.67 7.83 18.06
C LEU B 42 -10.60 6.42 17.48
N LEU B 43 -11.47 5.52 17.94
CA LEU B 43 -11.42 4.14 17.46
C LEU B 43 -11.69 4.05 15.96
N GLN B 44 -12.67 4.81 15.48
CA GLN B 44 -12.95 4.81 14.04
C GLN B 44 -11.79 5.44 13.27
N THR B 45 -11.17 6.48 13.83
CA THR B 45 -10.03 7.13 13.18
C THR B 45 -8.87 6.17 13.01
N LEU B 46 -8.54 5.42 14.08
CA LEU B 46 -7.46 4.45 14.01
C LEU B 46 -7.85 3.24 13.15
N PHE B 47 -9.13 2.87 13.14
CA PHE B 47 -9.57 1.72 12.36
C PHE B 47 -9.31 1.93 10.88
N PHE B 48 -9.56 3.14 10.39
CA PHE B 48 -9.33 3.48 8.98
C PHE B 48 -7.91 3.94 8.71
N THR B 49 -7.03 3.90 9.71
CA THR B 49 -5.59 3.89 9.46
C THR B 49 -5.22 2.46 9.05
N ASN B 50 -5.52 2.15 7.79
CA ASN B 50 -5.58 0.76 7.33
C ASN B 50 -4.28 0.00 7.56
N GLN B 51 -3.14 0.65 7.31
CA GLN B 51 -1.86 -0.02 7.56
C GLN B 51 -1.69 -0.34 9.04
N LEU B 52 -2.11 0.57 9.92
CA LEU B 52 -2.13 0.29 11.35
C LEU B 52 -3.05 -0.88 11.66
N ARG B 53 -4.19 -0.96 10.97
CA ARG B 53 -5.16 -2.01 11.24
C ARG B 53 -4.57 -3.39 10.96
N LYS B 54 -3.94 -3.56 9.79
CA LYS B 54 -3.36 -4.85 9.44
C LYS B 54 -2.25 -5.24 10.41
N ALA B 55 -1.48 -4.26 10.88
CA ALA B 55 -0.45 -4.53 11.88
C ALA B 55 -1.06 -5.03 13.19
N VAL B 56 -2.18 -4.45 13.60
CA VAL B 56 -2.86 -4.88 14.82
C VAL B 56 -3.31 -6.34 14.69
N TYR B 57 -3.77 -6.72 13.50
CA TYR B 57 -4.24 -8.09 13.28
C TYR B 57 -3.15 -9.14 13.49
N MET B 58 -1.89 -8.81 13.24
CA MET B 58 -0.82 -9.79 13.23
C MET B 58 -0.03 -9.86 14.54
N MET B 59 -0.56 -9.34 15.64
CA MET B 59 0.18 -9.39 16.90
C MET B 59 0.09 -10.77 17.55
N PRO B 60 1.15 -11.20 18.26
CA PRO B 60 1.13 -12.53 18.93
C PRO B 60 0.33 -12.52 20.22
N THR B 61 -0.99 -12.45 20.07
CA THR B 61 -1.93 -12.36 21.18
C THR B 61 -2.62 -13.69 21.48
N GLU B 62 -2.10 -14.80 20.95
CA GLU B 62 -2.75 -16.09 21.17
C GLU B 62 -2.80 -16.46 22.65
N GLY B 63 -1.67 -16.29 23.35
CA GLY B 63 -1.56 -16.69 24.74
C GLY B 63 -1.79 -15.58 25.74
N ASP B 64 -2.63 -14.62 25.37
CA ASP B 64 -2.93 -13.49 26.24
C ASP B 64 -4.29 -13.68 26.90
N ASP B 65 -4.49 -12.97 27.99
CA ASP B 65 -5.73 -13.03 28.76
C ASP B 65 -6.73 -12.06 28.15
N SER B 66 -7.89 -12.59 27.74
CA SER B 66 -8.86 -11.77 27.00
C SER B 66 -9.32 -10.57 27.83
N SER B 67 -9.52 -10.77 29.13
CA SER B 67 -10.04 -9.69 29.96
C SER B 67 -9.02 -8.60 30.24
N LYS B 68 -7.72 -8.87 30.03
CA LYS B 68 -6.67 -7.94 30.41
C LYS B 68 -5.68 -7.63 29.30
N SER B 69 -5.90 -8.12 28.08
CA SER B 69 -4.97 -7.90 26.98
C SER B 69 -5.47 -6.72 26.17
N VAL B 70 -4.75 -5.60 26.25
CA VAL B 70 -5.08 -4.43 25.42
C VAL B 70 -4.89 -4.73 23.94
N PRO B 71 -3.80 -5.37 23.50
CA PRO B 71 -3.73 -5.75 22.08
C PRO B 71 -4.84 -6.67 21.64
N LEU B 72 -5.25 -7.63 22.47
CA LEU B 72 -6.33 -8.52 22.07
C LEU B 72 -7.66 -7.79 21.99
N ALA B 73 -7.93 -6.91 22.95
CA ALA B 73 -9.17 -6.15 22.94
C ALA B 73 -9.24 -5.24 21.72
N LEU B 74 -8.13 -4.58 21.38
CA LEU B 74 -8.13 -3.71 20.21
C LEU B 74 -8.30 -4.51 18.93
N GLN B 75 -7.73 -5.72 18.87
CA GLN B 75 -8.01 -6.60 17.73
C GLN B 75 -9.49 -6.94 17.66
N ARG B 76 -10.12 -7.19 18.80
CA ARG B 76 -11.53 -7.57 18.81
C ARG B 76 -12.41 -6.48 18.19
N VAL B 77 -12.18 -5.23 18.59
CA VAL B 77 -13.03 -4.14 18.10
C VAL B 77 -12.76 -3.88 16.61
N PHE B 78 -11.50 -3.97 16.19
CA PHE B 78 -11.19 -3.82 14.77
C PHE B 78 -11.88 -4.89 13.95
N TYR B 79 -11.85 -6.13 14.44
CA TYR B 79 -12.52 -7.22 13.74
C TYR B 79 -14.02 -6.99 13.65
N GLU B 80 -14.64 -6.59 14.78
CA GLU B 80 -16.08 -6.34 14.78
C GLU B 80 -16.46 -5.20 13.83
N LEU B 81 -15.62 -4.17 13.74
CA LEU B 81 -15.91 -3.06 12.86
C LEU B 81 -15.80 -3.43 11.38
N GLN B 82 -15.17 -4.56 11.06
CA GLN B 82 -14.98 -4.97 9.68
C GLN B 82 -16.02 -5.98 9.20
N HIS B 83 -16.55 -6.81 10.08
CA HIS B 83 -17.48 -7.86 9.68
C HIS B 83 -18.90 -7.64 10.16
N SER B 84 -19.08 -7.07 11.35
CA SER B 84 -20.41 -6.96 11.93
C SER B 84 -21.25 -5.95 11.18
N ASP B 85 -22.53 -6.28 11.01
CA ASP B 85 -23.54 -5.37 10.50
C ASP B 85 -24.27 -4.64 11.60
N LYS B 86 -23.91 -4.93 12.86
CA LYS B 86 -24.48 -4.41 14.10
C LYS B 86 -23.48 -3.48 14.77
N PRO B 87 -23.96 -2.51 15.56
CA PRO B 87 -23.03 -1.59 16.23
C PRO B 87 -22.13 -2.35 17.20
N VAL B 88 -20.89 -1.91 17.30
CA VAL B 88 -19.84 -2.65 17.98
C VAL B 88 -19.71 -2.18 19.43
N GLY B 89 -19.46 -3.12 20.34
CA GLY B 89 -19.25 -2.82 21.73
C GLY B 89 -17.78 -2.75 22.10
N THR B 90 -17.47 -1.98 23.16
CA THR B 90 -16.10 -1.74 23.58
C THR B 90 -15.90 -2.03 25.07
N LYS B 91 -16.75 -2.87 25.65
CA LYS B 91 -16.70 -3.11 27.09
C LYS B 91 -15.39 -3.76 27.50
N LYS B 92 -15.00 -4.83 26.78
CA LYS B 92 -13.75 -5.50 27.13
C LYS B 92 -12.56 -4.58 26.96
N LEU B 93 -12.56 -3.76 25.90
CA LEU B 93 -11.45 -2.84 25.68
C LEU B 93 -11.37 -1.82 26.82
N THR B 94 -12.52 -1.32 27.27
CA THR B 94 -12.55 -0.42 28.41
C THR B 94 -12.00 -1.11 29.66
N LYS B 95 -12.44 -2.35 29.90
CA LYS B 95 -11.87 -3.15 30.97
C LYS B 95 -10.38 -3.40 30.75
N SER B 96 -9.96 -3.43 29.48
CA SER B 96 -8.60 -3.85 29.17
C SER B 96 -7.58 -2.88 29.72
N PHE B 97 -7.74 -1.58 29.44
CA PHE B 97 -6.85 -0.56 29.98
C PHE B 97 -7.44 0.10 31.23
N GLY B 98 -8.52 -0.45 31.76
CA GLY B 98 -9.02 -0.10 33.09
C GLY B 98 -9.51 1.32 33.28
N TRP B 99 -10.22 1.86 32.28
CA TRP B 99 -10.91 3.14 32.44
C TRP B 99 -12.41 2.86 32.62
N GLU B 100 -12.81 2.54 33.86
CA GLU B 100 -14.18 2.14 34.08
C GLU B 100 -14.94 3.03 35.06
N THR B 101 -14.28 4.00 35.67
CA THR B 101 -14.97 5.00 36.46
C THR B 101 -15.64 6.03 35.55
N LEU B 102 -16.65 6.72 36.10
CA LEU B 102 -17.39 7.69 35.31
C LEU B 102 -16.50 8.79 34.77
N ASP B 103 -15.42 9.13 35.47
CA ASP B 103 -14.57 10.25 35.08
C ASP B 103 -13.28 9.80 34.41
N SER B 104 -13.13 8.50 34.13
CA SER B 104 -11.87 8.01 33.61
C SER B 104 -11.53 8.66 32.27
N PHE B 105 -12.52 8.73 31.37
CA PHE B 105 -12.29 9.30 30.04
C PHE B 105 -12.31 10.83 30.06
N MET B 106 -13.06 11.44 30.98
CA MET B 106 -13.19 12.89 31.06
C MET B 106 -11.96 13.54 31.69
N GLN B 107 -11.18 12.75 32.43
CA GLN B 107 -9.96 13.23 33.08
C GLN B 107 -8.78 13.27 32.13
N HIS B 108 -8.75 12.37 31.14
CA HIS B 108 -7.61 12.26 30.24
C HIS B 108 -7.84 13.07 28.98
N ASP B 109 -6.88 12.96 28.06
CA ASP B 109 -6.87 13.65 26.79
C ASP B 109 -7.05 12.65 25.66
N VAL B 110 -7.45 13.15 24.47
CA VAL B 110 -7.44 12.28 23.30
C VAL B 110 -6.05 11.75 23.04
N GLN B 111 -5.03 12.59 23.26
CA GLN B 111 -3.65 12.16 23.07
C GLN B 111 -3.30 11.00 23.99
N GLU B 112 -3.66 11.11 25.27
CA GLU B 112 -3.30 10.07 26.23
C GLU B 112 -3.95 8.74 25.87
N LEU B 113 -5.22 8.77 25.47
CA LEU B 113 -5.87 7.52 25.09
C LEU B 113 -5.22 6.91 23.85
N CYS B 114 -4.91 7.75 22.86
CA CYS B 114 -4.22 7.26 21.66
C CYS B 114 -2.84 6.72 22.00
N ARG B 115 -2.14 7.37 22.95
CA ARG B 115 -0.83 6.86 23.36
C ARG B 115 -0.96 5.52 24.07
N VAL B 116 -1.96 5.38 24.95
CA VAL B 116 -2.16 4.13 25.68
C VAL B 116 -2.41 2.99 24.72
N LEU B 117 -3.27 3.19 23.73
CA LEU B 117 -3.54 2.13 22.77
C LEU B 117 -2.33 1.81 21.92
N LEU B 118 -1.72 2.84 21.31
CA LEU B 118 -0.63 2.59 20.37
C LEU B 118 0.62 2.06 21.06
N ASP B 119 0.91 2.55 22.27
CA ASP B 119 2.07 2.02 22.99
C ASP B 119 1.91 0.54 23.29
N ASN B 120 0.68 0.12 23.63
CA ASN B 120 0.43 -1.30 23.88
C ASN B 120 0.69 -2.12 22.62
N VAL B 121 0.17 -1.66 21.48
CA VAL B 121 0.34 -2.38 20.22
C VAL B 121 1.80 -2.36 19.81
N GLU B 122 2.44 -1.19 19.88
CA GLU B 122 3.84 -1.07 19.49
C GLU B 122 4.74 -1.98 20.31
N ASN B 123 4.49 -2.04 21.63
CA ASN B 123 5.24 -2.95 22.47
C ASN B 123 4.91 -4.40 22.17
N LYS B 124 3.64 -4.70 21.86
CA LYS B 124 3.27 -6.07 21.53
C LYS B 124 3.94 -6.51 20.24
N MET B 125 4.06 -5.61 19.28
CA MET B 125 4.69 -5.91 17.99
C MET B 125 6.21 -5.95 18.07
N LYS B 126 6.80 -5.53 19.19
CA LYS B 126 8.24 -5.64 19.34
C LYS B 126 8.66 -7.09 19.31
N GLY B 127 9.71 -7.38 18.54
CA GLY B 127 10.16 -8.75 18.37
C GLY B 127 9.41 -9.53 17.32
N THR B 128 8.54 -8.88 16.54
CA THR B 128 7.77 -9.52 15.49
C THR B 128 8.20 -8.97 14.14
N CYS B 129 7.65 -9.57 13.07
CA CYS B 129 7.94 -9.07 11.73
C CYS B 129 7.35 -7.69 11.50
N VAL B 130 6.34 -7.31 12.27
CA VAL B 130 5.63 -6.04 12.09
C VAL B 130 6.11 -5.00 13.10
N GLU B 131 7.26 -5.22 13.73
CA GLU B 131 7.78 -4.33 14.75
C GLU B 131 8.05 -2.94 14.19
N GLY B 132 7.70 -1.92 14.97
CA GLY B 132 7.94 -0.55 14.59
C GLY B 132 6.90 0.07 13.67
N THR B 133 5.73 -0.55 13.52
CA THR B 133 4.72 0.04 12.65
C THR B 133 4.19 1.36 13.22
N ILE B 134 3.90 1.40 14.53
CA ILE B 134 3.41 2.63 15.14
C ILE B 134 4.41 3.77 14.99
N PRO B 135 5.70 3.60 15.32
CA PRO B 135 6.64 4.71 15.11
C PRO B 135 6.73 5.15 13.65
N LYS B 136 6.69 4.22 12.70
CA LYS B 136 6.85 4.61 11.30
C LYS B 136 5.62 5.31 10.75
N LEU B 137 4.48 5.22 11.43
CA LEU B 137 3.26 5.88 10.99
C LEU B 137 2.99 7.19 11.70
N PHE B 138 3.34 7.30 12.98
CA PHE B 138 2.90 8.42 13.82
C PHE B 138 4.01 9.27 14.40
N ARG B 139 5.25 8.81 14.40
CA ARG B 139 6.34 9.53 15.04
C ARG B 139 7.01 10.47 14.05
N GLY B 140 7.46 11.62 14.55
CA GLY B 140 8.20 12.56 13.75
C GLY B 140 9.41 13.09 14.49
N LYS B 141 10.37 13.58 13.72
CA LYS B 141 11.61 14.12 14.27
C LYS B 141 11.50 15.63 14.34
N MET B 142 11.99 16.19 15.44
CA MET B 142 11.92 17.62 15.70
C MET B 142 13.20 18.02 16.41
N VAL B 143 13.70 19.23 16.11
CA VAL B 143 14.90 19.76 16.74
C VAL B 143 14.51 20.99 17.54
N SER B 144 14.95 21.04 18.79
CA SER B 144 14.77 22.19 19.65
C SER B 144 16.11 22.87 19.83
N TYR B 145 16.18 24.17 19.54
CA TYR B 145 17.44 24.90 19.54
C TYR B 145 17.37 26.07 20.51
N ILE B 146 18.52 26.37 21.11
CA ILE B 146 18.71 27.55 21.94
C ILE B 146 19.99 28.21 21.47
N GLN B 147 19.87 29.41 20.92
CA GLN B 147 21.01 30.10 20.31
C GLN B 147 21.29 31.39 21.07
N CYS B 148 22.51 31.51 21.59
CA CYS B 148 22.93 32.73 22.26
C CYS B 148 23.21 33.81 21.22
N LYS B 149 22.92 35.07 21.60
CA LYS B 149 23.03 36.17 20.65
C LYS B 149 24.37 36.90 20.72
N GLU B 150 24.95 37.05 21.92
CA GLU B 150 26.20 37.80 22.07
C GLU B 150 27.42 36.89 22.17
N VAL B 151 27.31 35.73 22.80
CA VAL B 151 28.38 34.74 22.83
C VAL B 151 28.02 33.63 21.85
N ASP B 152 29.04 32.99 21.29
CA ASP B 152 28.86 32.01 20.22
C ASP B 152 28.69 30.60 20.80
N TYR B 153 27.49 30.33 21.30
CA TYR B 153 27.12 29.00 21.78
C TYR B 153 25.72 28.66 21.29
N ARG B 154 25.53 27.39 20.93
CA ARG B 154 24.25 26.88 20.46
C ARG B 154 24.03 25.47 20.98
N SER B 155 22.77 25.15 21.26
CA SER B 155 22.38 23.83 21.76
C SER B 155 21.27 23.27 20.88
N ASP B 156 21.59 22.22 20.12
CA ASP B 156 20.62 21.52 19.28
C ASP B 156 20.37 20.15 19.88
N ARG B 157 19.11 19.88 20.22
CA ARG B 157 18.70 18.57 20.70
C ARG B 157 17.49 18.11 19.91
N ARG B 158 17.48 16.83 19.55
CA ARG B 158 16.35 16.28 18.82
C ARG B 158 15.31 15.74 19.79
N GLU B 159 14.04 16.04 19.50
CA GLU B 159 12.92 15.49 20.24
C GLU B 159 12.04 14.70 19.28
N ASP B 160 11.33 13.72 19.82
CA ASP B 160 10.38 12.94 19.05
C ASP B 160 8.97 13.28 19.51
N TYR B 161 8.02 13.22 18.56
CA TYR B 161 6.63 13.51 18.84
C TYR B 161 5.75 12.53 18.07
N TYR B 162 4.59 12.21 18.67
CA TYR B 162 3.56 11.44 17.99
C TYR B 162 2.33 12.27 17.65
N ASP B 163 2.26 13.51 18.15
CA ASP B 163 1.13 14.38 17.91
C ASP B 163 1.59 15.82 18.14
N ILE B 164 0.82 16.74 17.56
CA ILE B 164 1.14 18.16 17.60
C ILE B 164 -0.05 18.91 18.18
N GLN B 165 0.16 19.62 19.28
CA GLN B 165 -0.87 20.44 19.90
C GLN B 165 -0.73 21.86 19.39
N LEU B 166 -1.75 22.36 18.69
CA LEU B 166 -1.69 23.65 18.02
C LEU B 166 -2.43 24.73 18.79
N SER B 167 -1.81 25.89 18.92
CA SER B 167 -2.46 27.06 19.51
C SER B 167 -3.48 27.65 18.53
N ILE B 168 -4.59 28.19 19.07
CA ILE B 168 -5.72 28.63 18.27
C ILE B 168 -6.06 30.09 18.52
N LYS B 169 -6.12 30.50 19.79
CA LYS B 169 -6.55 31.84 20.13
C LYS B 169 -5.70 32.88 19.41
N GLY B 170 -6.35 33.71 18.60
CA GLY B 170 -5.66 34.70 17.80
C GLY B 170 -5.20 34.20 16.45
N LYS B 171 -5.30 32.91 16.19
CA LYS B 171 -4.89 32.32 14.92
C LYS B 171 -6.13 31.97 14.11
N LYS B 172 -6.16 32.38 12.85
CA LYS B 172 -7.35 32.20 12.04
C LYS B 172 -7.34 30.88 11.26
N ASN B 173 -6.16 30.36 10.93
CA ASN B 173 -6.07 29.12 10.19
C ASN B 173 -4.86 28.32 10.67
N ILE B 174 -4.73 27.11 10.12
CA ILE B 174 -3.62 26.23 10.51
C ILE B 174 -2.29 26.83 10.12
N PHE B 175 -2.24 27.54 8.98
CA PHE B 175 -0.99 28.18 8.56
C PHE B 175 -0.47 29.12 9.64
N GLU B 176 -1.32 30.03 10.12
CA GLU B 176 -0.91 30.91 11.21
C GLU B 176 -0.61 30.11 12.48
N SER B 177 -1.37 29.04 12.71
CA SER B 177 -1.13 28.21 13.89
C SER B 177 0.27 27.59 13.85
N PHE B 178 0.69 27.12 12.68
CA PHE B 178 2.03 26.54 12.55
C PHE B 178 3.10 27.62 12.69
N VAL B 179 2.82 28.83 12.17
CA VAL B 179 3.78 29.93 12.31
C VAL B 179 4.05 30.21 13.79
N ASP B 180 2.99 30.19 14.61
CA ASP B 180 3.17 30.38 16.05
C ASP B 180 3.99 29.26 16.67
N TYR B 181 3.82 28.03 16.17
CA TYR B 181 4.58 26.90 16.71
C TYR B 181 6.07 27.07 16.46
N VAL B 182 6.44 27.56 15.27
CA VAL B 182 7.84 27.78 14.93
C VAL B 182 8.33 29.17 15.30
N ALA B 183 7.48 29.99 15.91
CA ALA B 183 7.88 31.34 16.29
C ALA B 183 9.01 31.29 17.32
N VAL B 184 9.93 32.24 17.20
CA VAL B 184 11.09 32.31 18.08
C VAL B 184 10.68 32.93 19.41
N GLU B 185 10.94 32.21 20.50
CA GLU B 185 10.72 32.74 21.83
C GLU B 185 11.98 33.47 22.30
N GLN B 186 11.78 34.54 23.05
CA GLN B 186 12.88 35.37 23.51
C GLN B 186 13.17 35.09 24.97
N LEU B 187 14.47 34.95 25.28
CA LEU B 187 14.96 34.73 26.64
C LEU B 187 15.79 35.95 27.01
N ASP B 188 15.14 36.97 27.56
CA ASP B 188 15.83 38.17 28.02
C ASP B 188 16.12 38.05 29.51
N GLY B 189 16.55 39.15 30.13
CA GLY B 189 16.82 39.16 31.56
C GLY B 189 15.61 38.63 32.31
N ASP B 190 15.84 37.89 33.40
CA ASP B 190 14.87 37.12 34.17
C ASP B 190 14.52 35.83 33.42
N ASN B 191 14.97 35.66 32.17
CA ASN B 191 14.80 34.43 31.42
C ASN B 191 16.09 34.01 30.72
N LYS B 192 17.21 34.63 31.06
CA LYS B 192 18.46 34.40 30.34
C LYS B 192 18.83 32.92 30.36
N TYR B 193 19.21 32.41 29.19
CA TYR B 193 19.60 31.01 29.09
C TYR B 193 20.89 30.75 29.87
N ASP B 194 20.92 29.63 30.58
CA ASP B 194 22.10 29.21 31.32
C ASP B 194 23.04 28.52 30.35
N ALA B 195 23.99 29.29 29.83
CA ALA B 195 24.95 28.76 28.87
C ALA B 195 26.11 28.06 29.56
N GLY B 196 26.02 27.82 30.86
CA GLY B 196 27.05 27.07 31.56
C GLY B 196 28.37 27.78 31.58
N GLU B 197 29.30 27.32 30.75
CA GLU B 197 30.61 27.94 30.65
C GLU B 197 30.51 29.44 30.36
N HIS B 198 29.49 29.86 29.61
CA HIS B 198 29.29 31.26 29.28
C HIS B 198 28.32 31.98 30.22
N GLY B 199 27.79 31.31 31.25
CA GLY B 199 26.89 31.99 32.16
C GLY B 199 25.56 32.34 31.50
N LEU B 200 24.82 33.23 32.18
CA LEU B 200 23.57 33.73 31.63
C LEU B 200 23.84 34.56 30.38
N GLN B 201 23.01 34.38 29.35
CA GLN B 201 23.40 34.90 28.04
C GLN B 201 22.36 35.63 27.20
N GLU B 202 21.07 35.65 27.56
CA GLU B 202 20.05 36.29 26.73
C GLU B 202 20.04 35.69 25.32
N ALA B 203 19.54 34.46 25.24
CA ALA B 203 19.54 33.70 24.02
C ALA B 203 18.14 33.72 23.37
N GLU B 204 18.01 32.94 22.29
CA GLU B 204 16.73 32.71 21.65
C GLU B 204 16.45 31.21 21.58
N LYS B 205 15.22 30.83 21.86
CA LYS B 205 14.79 29.43 21.88
C LYS B 205 13.69 29.22 20.85
N GLY B 206 13.80 28.12 20.11
CA GLY B 206 12.83 27.83 19.08
C GLY B 206 12.78 26.34 18.77
N VAL B 207 11.89 26.00 17.85
CA VAL B 207 11.67 24.62 17.43
C VAL B 207 11.39 24.60 15.94
N LYS B 208 12.03 23.67 15.23
CA LYS B 208 11.80 23.52 13.80
C LYS B 208 11.55 22.05 13.50
N PHE B 209 10.76 21.79 12.45
CA PHE B 209 10.38 20.43 12.11
C PHE B 209 11.46 19.80 11.24
N LEU B 210 11.99 18.67 11.69
CA LEU B 210 12.91 17.91 10.86
C LEU B 210 12.14 17.03 9.88
N THR B 211 11.25 16.20 10.39
CA THR B 211 10.45 15.30 9.58
C THR B 211 9.02 15.32 10.09
N LEU B 212 8.09 14.98 9.20
CA LEU B 212 6.68 14.90 9.53
C LEU B 212 6.18 13.49 9.23
N PRO B 213 5.41 12.87 10.13
CA PRO B 213 5.06 11.46 9.97
C PRO B 213 4.09 11.26 8.81
N PRO B 214 3.95 10.02 8.32
CA PRO B 214 2.91 9.76 7.31
C PRO B 214 1.51 10.05 7.81
N VAL B 215 1.25 9.85 9.10
CA VAL B 215 -0.03 10.14 9.71
C VAL B 215 0.19 11.22 10.76
N LEU B 216 -0.49 12.35 10.59
CA LEU B 216 -0.27 13.55 11.40
C LEU B 216 -1.47 13.74 12.31
N HIS B 217 -1.25 13.65 13.63
CA HIS B 217 -2.29 13.87 14.62
C HIS B 217 -2.18 15.29 15.17
N LEU B 218 -3.15 16.13 14.82
CA LEU B 218 -3.17 17.53 15.24
C LEU B 218 -4.30 17.74 16.24
N GLN B 219 -3.95 18.14 17.46
CA GLN B 219 -4.92 18.53 18.46
C GLN B 219 -5.04 20.05 18.48
N LEU B 220 -6.26 20.54 18.40
CA LEU B 220 -6.54 21.97 18.30
C LEU B 220 -6.88 22.50 19.68
N MET B 221 -5.96 23.27 20.27
CA MET B 221 -6.06 23.72 21.66
C MET B 221 -6.98 24.94 21.75
N ARG B 222 -8.28 24.70 21.63
CA ARG B 222 -9.26 25.77 21.76
C ARG B 222 -9.87 25.74 23.16
N PHE B 223 -9.08 26.18 24.14
CA PHE B 223 -9.59 26.29 25.51
C PHE B 223 -8.67 27.17 26.33
N MET B 224 -9.21 27.61 27.47
CA MET B 224 -8.46 28.44 28.43
C MET B 224 -9.10 28.36 29.81
N GLN B 228 -8.95 34.80 37.08
CA GLN B 228 -10.04 34.04 37.69
C GLN B 228 -10.12 32.64 37.10
N THR B 229 -10.49 31.66 37.93
CA THR B 229 -10.59 30.29 37.45
C THR B 229 -11.44 29.47 38.41
N ASP B 230 -12.31 28.62 37.86
CA ASP B 230 -12.80 27.49 38.64
C ASP B 230 -13.05 26.31 37.70
N GLN B 231 -12.91 26.55 36.40
CA GLN B 231 -13.19 25.53 35.40
C GLN B 231 -12.29 25.73 34.19
N ASN B 232 -12.30 24.71 33.33
CA ASN B 232 -11.69 24.79 32.00
C ASN B 232 -12.77 25.23 31.02
N ILE B 233 -12.55 26.37 30.35
CA ILE B 233 -13.54 26.96 29.46
C ILE B 233 -13.10 26.74 28.02
N LYS B 234 -14.06 26.83 27.09
CA LYS B 234 -13.82 26.59 25.67
C LYS B 234 -13.65 27.90 24.91
N ILE B 235 -12.77 27.88 23.92
CA ILE B 235 -12.58 28.97 22.97
C ILE B 235 -13.37 28.62 21.70
N ASN B 236 -14.55 29.24 21.53
CA ASN B 236 -15.41 28.97 20.38
C ASN B 236 -15.02 29.78 19.14
N ASP B 237 -13.79 30.28 19.08
CA ASP B 237 -13.38 31.15 17.98
C ASP B 237 -13.33 30.38 16.66
N ARG B 238 -13.44 31.12 15.57
CA ARG B 238 -13.33 30.54 14.24
C ARG B 238 -11.89 30.15 13.93
N PHE B 239 -11.72 28.96 13.35
CA PHE B 239 -10.41 28.44 12.99
C PHE B 239 -10.54 27.60 11.73
N GLU B 240 -9.74 27.92 10.71
CA GLU B 240 -9.86 27.27 9.41
C GLU B 240 -8.77 26.24 9.20
N PHE B 241 -9.14 25.11 8.59
CA PHE B 241 -8.19 24.08 8.20
C PHE B 241 -8.51 23.62 6.78
N PRO B 242 -7.52 23.51 5.91
CA PRO B 242 -7.77 23.15 4.51
C PRO B 242 -7.82 21.64 4.29
N GLU B 243 -8.47 21.26 3.18
CA GLU B 243 -8.47 19.85 2.79
C GLU B 243 -7.07 19.37 2.47
N GLN B 244 -6.24 20.25 1.91
CA GLN B 244 -4.85 19.95 1.58
C GLN B 244 -3.95 20.96 2.28
N LEU B 245 -2.97 20.46 3.04
CA LEU B 245 -2.12 21.27 3.90
C LEU B 245 -0.66 21.20 3.49
N PRO B 246 -0.12 22.22 2.80
CA PRO B 246 1.31 22.23 2.49
C PRO B 246 2.11 22.65 3.73
N LEU B 247 3.15 21.86 4.06
CA LEU B 247 3.95 22.14 5.24
C LEU B 247 5.44 22.13 4.93
N ASP B 248 5.84 22.26 3.67
CA ASP B 248 7.25 22.27 3.33
C ASP B 248 7.97 23.44 4.00
N GLU B 249 7.29 24.58 4.09
CA GLU B 249 7.93 25.78 4.62
C GLU B 249 8.24 25.68 6.12
N PHE B 250 7.65 24.72 6.82
CA PHE B 250 7.96 24.54 8.24
C PHE B 250 9.04 23.48 8.47
N LEU B 251 9.49 22.80 7.42
CA LEU B 251 10.63 21.91 7.51
C LEU B 251 11.93 22.68 7.40
N GLN B 252 12.93 22.28 8.19
CA GLN B 252 14.23 22.95 8.13
C GLN B 252 14.87 22.80 6.76
N LYS B 253 14.79 21.61 6.17
CA LYS B 253 15.26 21.37 4.80
C LYS B 253 14.20 20.54 4.09
N THR B 254 13.56 21.13 3.09
CA THR B 254 12.56 20.43 2.33
C THR B 254 13.19 19.36 1.44
N ASP B 255 12.36 18.44 0.98
CA ASP B 255 12.79 17.38 0.06
C ASP B 255 12.01 17.48 -1.24
N PRO B 256 12.64 17.85 -2.36
CA PRO B 256 11.98 17.68 -3.65
C PRO B 256 11.71 16.22 -3.90
N LYS B 257 10.70 15.96 -4.74
CA LYS B 257 10.14 14.65 -5.05
C LYS B 257 9.39 14.06 -3.86
N ASP B 258 9.37 14.74 -2.71
CA ASP B 258 8.45 14.42 -1.62
C ASP B 258 8.19 15.68 -0.81
N PRO B 259 7.38 16.60 -1.34
CA PRO B 259 6.98 17.77 -0.55
C PRO B 259 6.13 17.32 0.62
N ALA B 260 6.15 18.12 1.68
CA ALA B 260 5.34 17.85 2.87
C ALA B 260 3.90 18.30 2.60
N ASN B 261 3.26 17.60 1.66
CA ASN B 261 1.87 17.84 1.30
C ASN B 261 0.99 16.79 1.97
N TYR B 262 -0.09 17.25 2.60
CA TYR B 262 -0.95 16.39 3.40
C TYR B 262 -2.41 16.56 2.99
N ILE B 263 -3.18 15.50 3.18
CA ILE B 263 -4.59 15.46 2.81
C ILE B 263 -5.41 15.20 4.06
N LEU B 264 -6.48 15.98 4.23
CA LEU B 264 -7.34 15.84 5.39
C LEU B 264 -8.05 14.49 5.40
N HIS B 265 -7.99 13.80 6.54
CA HIS B 265 -8.60 12.48 6.68
C HIS B 265 -9.74 12.45 7.68
N ALA B 266 -9.52 12.91 8.91
CA ALA B 266 -10.52 12.86 9.96
C ALA B 266 -10.66 14.21 10.63
N VAL B 267 -11.90 14.56 11.01
CA VAL B 267 -12.20 15.79 11.73
C VAL B 267 -13.04 15.44 12.96
N LEU B 268 -12.42 15.51 14.15
CA LEU B 268 -13.08 15.14 15.40
C LEU B 268 -13.66 16.40 16.07
N VAL B 269 -14.97 16.38 16.33
CA VAL B 269 -15.67 17.55 16.85
C VAL B 269 -16.39 17.16 18.14
N HIS B 270 -16.65 18.18 18.97
CA HIS B 270 -17.33 18.00 20.24
C HIS B 270 -18.48 18.98 20.43
N SER B 271 -19.57 18.46 21.01
CA SER B 271 -20.68 19.24 21.57
C SER B 271 -20.95 18.74 22.99
N GLY B 272 -21.23 19.65 23.92
CA GLY B 272 -21.17 19.34 25.34
C GLY B 272 -22.56 19.22 25.94
N ASP B 273 -22.70 18.35 26.95
CA ASP B 273 -23.99 18.19 27.63
C ASP B 273 -23.80 17.49 28.97
N ASN B 274 -24.93 17.23 29.65
CA ASN B 274 -24.95 16.71 31.02
C ASN B 274 -24.41 15.29 31.18
N HIS B 275 -24.59 14.42 30.19
CA HIS B 275 -24.20 13.01 30.30
C HIS B 275 -22.82 12.72 29.70
N GLY B 276 -21.98 13.72 29.49
CA GLY B 276 -20.64 13.49 29.03
C GLY B 276 -20.31 13.93 27.62
N GLY B 277 -21.11 14.80 27.02
CA GLY B 277 -20.77 15.33 25.71
C GLY B 277 -21.34 14.54 24.56
N HIS B 278 -21.05 15.03 23.37
CA HIS B 278 -21.43 14.37 22.12
C HIS B 278 -20.25 14.52 21.18
N TYR B 279 -19.62 13.39 20.86
CA TYR B 279 -18.39 13.32 20.08
C TYR B 279 -18.71 12.59 18.78
N VAL B 280 -18.61 13.30 17.67
CA VAL B 280 -18.73 12.66 16.37
C VAL B 280 -17.46 12.96 15.60
N VAL B 281 -17.14 12.08 14.65
CA VAL B 281 -15.93 12.19 13.86
C VAL B 281 -16.33 12.12 12.39
N TYR B 282 -15.79 13.02 11.58
CA TYR B 282 -16.00 13.03 10.14
C TYR B 282 -14.81 12.39 9.46
N LEU B 283 -15.08 11.47 8.52
CA LEU B 283 -14.04 10.65 7.90
C LEU B 283 -14.31 10.48 6.41
N ASN B 284 -13.25 10.52 5.61
CA ASN B 284 -13.27 9.93 4.27
C ASN B 284 -12.32 8.74 4.31
N PRO B 285 -12.83 7.54 4.63
CA PRO B 285 -11.94 6.41 4.92
C PRO B 285 -11.01 6.02 3.78
N LYS B 286 -11.46 6.15 2.54
CA LYS B 286 -10.63 5.81 1.40
C LYS B 286 -9.81 6.99 0.89
N GLY B 287 -9.87 8.13 1.56
CA GLY B 287 -9.13 9.30 1.11
C GLY B 287 -9.63 9.89 -0.19
N ASP B 288 -10.82 9.51 -0.63
CA ASP B 288 -11.34 9.95 -1.92
C ASP B 288 -12.13 11.25 -1.82
N GLY B 289 -12.22 11.87 -0.65
CA GLY B 289 -13.07 13.02 -0.49
C GLY B 289 -14.54 12.69 -0.35
N LYS B 290 -14.89 11.40 -0.26
CA LYS B 290 -16.26 10.96 0.00
C LYS B 290 -16.41 10.75 1.51
N TRP B 291 -17.04 11.71 2.18
CA TRP B 291 -17.01 11.82 3.63
C TRP B 291 -18.24 11.20 4.28
N CYS B 292 -18.04 10.60 5.45
CA CYS B 292 -19.10 10.04 6.27
C CYS B 292 -19.03 10.61 7.68
N LYS B 293 -20.18 10.67 8.34
CA LYS B 293 -20.27 11.10 9.73
C LYS B 293 -20.52 9.87 10.60
N PHE B 294 -19.66 9.68 11.60
CA PHE B 294 -19.75 8.55 12.52
C PHE B 294 -20.28 9.06 13.87
N ASP B 295 -21.59 9.04 14.02
CA ASP B 295 -22.24 9.45 15.27
C ASP B 295 -22.57 8.19 16.07
N ASP B 296 -21.52 7.63 16.69
CA ASP B 296 -21.60 6.37 17.42
C ASP B 296 -22.12 5.25 16.53
N ASP B 297 -23.30 4.72 16.84
CA ASP B 297 -23.89 3.64 16.05
C ASP B 297 -24.45 4.12 14.72
N VAL B 298 -24.61 5.42 14.51
CA VAL B 298 -25.19 5.97 13.29
C VAL B 298 -24.03 6.41 12.40
N VAL B 299 -23.87 5.72 11.27
CA VAL B 299 -22.87 6.07 10.26
C VAL B 299 -23.61 6.43 8.98
N SER B 300 -23.44 7.67 8.53
CA SER B 300 -24.17 8.18 7.38
C SER B 300 -23.25 9.02 6.51
N ARG B 301 -23.67 9.21 5.26
CA ARG B 301 -22.97 10.07 4.33
C ARG B 301 -23.25 11.54 4.62
N CYS B 302 -22.27 12.39 4.31
CA CYS B 302 -22.40 13.82 4.54
C CYS B 302 -21.58 14.58 3.50
N THR B 303 -21.95 15.85 3.31
CA THR B 303 -21.24 16.69 2.35
C THR B 303 -19.86 17.05 2.88
N LYS B 304 -18.96 17.35 1.95
CA LYS B 304 -17.62 17.81 2.33
C LYS B 304 -17.68 19.16 3.03
N GLU B 305 -18.68 19.99 2.70
CA GLU B 305 -18.87 21.23 3.43
C GLU B 305 -19.25 20.98 4.88
N GLU B 306 -20.09 19.97 5.13
CA GLU B 306 -20.46 19.66 6.51
C GLU B 306 -19.27 19.14 7.30
N ALA B 307 -18.31 18.51 6.62
CA ALA B 307 -17.15 17.94 7.30
C ALA B 307 -16.04 18.95 7.52
N ILE B 308 -15.88 19.93 6.64
CA ILE B 308 -14.72 20.82 6.70
C ILE B 308 -15.13 22.24 7.06
N GLU B 309 -15.89 22.91 6.19
CA GLU B 309 -16.16 24.33 6.40
C GLU B 309 -17.11 24.55 7.57
N HIS B 310 -18.08 23.66 7.77
CA HIS B 310 -19.06 23.87 8.83
C HIS B 310 -18.49 23.64 10.22
N ASN B 311 -17.28 23.10 10.34
CA ASN B 311 -16.66 22.90 11.64
C ASN B 311 -15.59 23.94 11.95
N TYR B 312 -15.52 25.01 11.16
CA TYR B 312 -14.53 26.06 11.41
C TYR B 312 -14.84 26.87 12.67
N GLY B 313 -16.10 26.94 13.09
CA GLY B 313 -16.47 27.65 14.30
C GLY B 313 -17.06 29.02 14.06
N ARG B 322 -24.38 26.88 25.72
CA ARG B 322 -23.18 26.24 25.20
C ARG B 322 -23.54 25.50 23.91
N HIS B 323 -23.16 24.23 23.84
CA HIS B 323 -23.58 23.26 22.83
C HIS B 323 -23.00 23.54 21.45
N CYS B 324 -22.22 24.60 21.30
CA CYS B 324 -21.69 24.98 19.99
C CYS B 324 -20.61 23.99 19.57
N THR B 325 -20.76 23.45 18.37
CA THR B 325 -19.85 22.40 17.91
C THR B 325 -18.48 22.99 17.59
N ASN B 326 -17.44 22.31 18.08
CA ASN B 326 -16.07 22.73 17.90
C ASN B 326 -15.23 21.53 17.45
N ALA B 327 -14.35 21.76 16.48
CA ALA B 327 -13.39 20.75 16.05
C ALA B 327 -12.14 20.86 16.91
N TYR B 328 -11.72 19.73 17.50
CA TYR B 328 -10.61 19.72 18.43
C TYR B 328 -9.42 18.85 17.99
N MET B 329 -9.62 17.91 17.07
CA MET B 329 -8.52 17.09 16.59
C MET B 329 -8.67 16.86 15.09
N LEU B 330 -7.54 16.91 14.38
CA LEU B 330 -7.50 16.68 12.94
C LEU B 330 -6.45 15.63 12.61
N VAL B 331 -6.74 14.80 11.61
CA VAL B 331 -5.79 13.78 11.16
C VAL B 331 -5.50 14.02 9.69
N TYR B 332 -4.23 14.19 9.37
CA TYR B 332 -3.77 14.38 8.01
C TYR B 332 -2.89 13.20 7.61
N ILE B 333 -2.97 12.83 6.34
CA ILE B 333 -2.14 11.77 5.78
C ILE B 333 -1.37 12.34 4.60
N ARG B 334 -0.07 12.03 4.57
CA ARG B 334 0.80 12.55 3.52
C ARG B 334 0.38 12.01 2.16
N GLU B 335 0.44 12.89 1.15
CA GLU B 335 0.00 12.51 -0.19
C GLU B 335 0.84 11.37 -0.75
N SER B 336 2.15 11.42 -0.54
CA SER B 336 3.04 10.37 -1.04
C SER B 336 2.80 9.03 -0.35
N LYS B 337 2.27 9.04 0.87
CA LYS B 337 2.03 7.82 1.63
C LYS B 337 0.56 7.42 1.66
N LEU B 338 -0.32 8.12 0.93
CA LEU B 338 -1.75 7.95 1.12
C LEU B 338 -2.20 6.53 0.79
N SER B 339 -1.71 5.99 -0.34
CA SER B 339 -2.12 4.65 -0.74
C SER B 339 -1.58 3.58 0.20
N GLU B 340 -0.35 3.78 0.70
CA GLU B 340 0.22 2.81 1.64
C GLU B 340 -0.47 2.86 2.99
N VAL B 341 -0.81 4.07 3.46
CA VAL B 341 -1.56 4.19 4.71
C VAL B 341 -2.97 3.63 4.54
N LEU B 342 -3.56 3.84 3.37
CA LEU B 342 -4.94 3.43 3.10
C LEU B 342 -5.01 2.16 2.27
N GLN B 343 -4.13 1.18 2.56
CA GLN B 343 -4.15 -0.11 1.91
C GLN B 343 -5.55 -0.73 1.97
N ALA B 344 -5.87 -1.52 0.96
CA ALA B 344 -7.06 -2.35 1.01
C ALA B 344 -6.86 -3.42 2.08
N VAL B 345 -7.92 -3.68 2.85
CA VAL B 345 -7.88 -4.67 3.92
C VAL B 345 -8.90 -5.75 3.61
N THR B 346 -8.42 -6.96 3.37
CA THR B 346 -9.26 -8.09 3.07
C THR B 346 -9.45 -8.97 4.30
N ASP B 347 -10.48 -9.81 4.24
CA ASP B 347 -10.73 -10.73 5.35
C ASP B 347 -9.64 -11.77 5.49
N HIS B 348 -8.88 -12.03 4.42
CA HIS B 348 -7.76 -12.96 4.53
C HIS B 348 -6.56 -12.34 5.23
N ASP B 349 -6.52 -11.01 5.34
CA ASP B 349 -5.47 -10.35 6.11
C ASP B 349 -5.50 -10.73 7.59
N ILE B 350 -6.64 -11.19 8.09
CA ILE B 350 -6.76 -11.59 9.49
C ILE B 350 -6.33 -13.05 9.61
N PRO B 351 -5.37 -13.36 10.47
CA PRO B 351 -4.92 -14.76 10.61
C PRO B 351 -6.03 -15.67 11.10
N GLN B 352 -6.00 -16.91 10.62
CA GLN B 352 -7.04 -17.87 10.97
C GLN B 352 -7.02 -18.19 12.46
N GLN B 353 -5.84 -18.20 13.07
CA GLN B 353 -5.74 -18.46 14.50
C GLN B 353 -6.45 -17.37 15.29
N LEU B 354 -6.34 -16.13 14.84
CA LEU B 354 -7.08 -15.04 15.46
C LEU B 354 -8.57 -15.15 15.20
N VAL B 355 -8.96 -15.48 13.97
CA VAL B 355 -10.39 -15.53 13.61
C VAL B 355 -11.12 -16.55 14.46
N GLU B 356 -10.52 -17.72 14.68
CA GLU B 356 -11.18 -18.76 15.45
C GLU B 356 -11.41 -18.34 16.90
N ARG B 357 -10.43 -17.67 17.51
CA ARG B 357 -10.60 -17.29 18.91
C ARG B 357 -11.71 -16.25 19.06
N LEU B 358 -11.78 -15.29 18.15
CA LEU B 358 -12.84 -14.27 18.23
C LEU B 358 -14.21 -14.89 18.02
N GLN B 359 -14.31 -15.85 17.10
CA GLN B 359 -15.58 -16.55 16.89
C GLN B 359 -15.95 -17.38 18.12
N GLU B 360 -14.95 -17.97 18.78
CA GLU B 360 -15.21 -18.75 19.98
C GLU B 360 -15.76 -17.88 21.10
N GLU B 361 -15.21 -16.67 21.27
CA GLU B 361 -15.71 -15.76 22.30
C GLU B 361 -17.16 -15.39 22.06
N LYS B 362 -17.52 -15.10 20.80
CA LYS B 362 -18.92 -14.76 20.52
C LYS B 362 -19.84 -15.94 20.78
N ARG B 363 -19.37 -17.17 20.57
CA ARG B 363 -20.17 -18.34 20.91
C ARG B 363 -20.44 -18.39 22.41
N ILE B 364 -19.41 -18.17 23.23
CA ILE B 364 -19.58 -18.20 24.68
C ILE B 364 -20.46 -17.04 25.15
N GLU B 365 -20.35 -15.89 24.49
CA GLU B 365 -21.21 -14.76 24.85
C GLU B 365 -22.67 -15.03 24.50
N ALA B 366 -22.92 -15.73 23.38
CA ALA B 366 -24.29 -15.98 22.93
C ALA B 366 -25.06 -16.94 23.83
N GLN B 367 -24.39 -17.62 24.75
CA GLN B 367 -25.06 -18.59 25.62
C GLN B 367 -25.33 -18.02 27.00
N PHE C 2 9.58 -18.93 -26.30
CA PHE C 2 8.64 -17.84 -26.42
C PHE C 2 9.13 -16.58 -25.70
N ASN C 4 10.91 -16.04 -29.02
CA ASN C 4 12.20 -15.87 -29.69
C ASN C 4 12.24 -16.60 -31.03
N PRO C 6 12.35 -16.93 -35.54
CA PRO C 6 12.19 -18.38 -35.63
C PRO C 6 13.29 -19.18 -34.92
N ASN C 7 12.93 -20.33 -34.37
CA ASN C 7 13.88 -21.22 -33.71
C ASN C 7 13.49 -22.67 -33.91
N TYR C 9 13.49 -25.07 -31.32
CA TYR C 9 13.33 -25.53 -29.96
C TYR C 9 11.86 -25.74 -29.65
N ARG C 10 11.51 -26.93 -29.15
CA ARG C 10 10.13 -27.25 -28.80
C ARG C 10 9.88 -27.19 -27.30
N ARG C 11 10.73 -26.48 -26.57
CA ARG C 11 10.49 -26.20 -25.16
C ARG C 11 9.73 -24.90 -24.97
N CYS C 12 9.45 -24.18 -26.05
CA CYS C 12 8.73 -22.92 -25.97
C CYS C 12 7.25 -23.20 -25.83
N GLY C 13 6.61 -22.57 -24.84
CA GLY C 13 5.20 -22.78 -24.63
C GLY C 13 4.88 -24.16 -24.07
N LYS C 14 5.30 -24.42 -22.83
CA LYS C 14 5.05 -25.72 -22.20
C LYS C 14 5.20 -25.62 -20.68
N PHE D 2 -8.71 17.19 27.77
CA PHE D 2 -8.89 17.66 26.39
C PHE D 2 -9.35 16.55 25.43
N ASN D 4 -12.74 17.65 26.63
CA ASN D 4 -14.01 17.32 27.27
C ASN D 4 -14.51 18.44 28.18
N PRO D 6 -17.07 21.72 29.63
CA PRO D 6 -16.24 22.10 30.78
C PRO D 6 -16.05 20.96 31.79
N ASN D 7 -14.98 21.03 32.58
CA ASN D 7 -14.73 20.04 33.63
C ASN D 7 -13.85 20.63 34.73
N TYR D 9 -11.13 18.88 36.15
CA TYR D 9 -9.86 18.16 36.08
C TYR D 9 -8.79 19.10 35.50
N ARG D 10 -7.67 19.24 36.22
CA ARG D 10 -6.61 20.15 35.81
C ARG D 10 -5.39 19.45 35.22
N ARG D 11 -5.54 18.18 34.82
CA ARG D 11 -4.49 17.50 34.07
C ARG D 11 -4.74 17.55 32.57
N CYS D 12 -5.81 18.22 32.13
CA CYS D 12 -6.16 18.25 30.72
C CYS D 12 -5.25 19.22 29.96
N GLY D 13 -4.74 18.77 28.81
CA GLY D 13 -3.91 19.58 27.95
C GLY D 13 -2.49 19.78 28.43
N LYS D 14 -2.21 19.59 29.71
CA LYS D 14 -0.87 19.81 30.25
C LYS D 14 0.18 19.03 29.45
N LYS D 15 1.03 19.78 28.74
CA LYS D 15 2.21 19.28 28.04
C LYS D 15 3.09 20.48 27.70
#